data_9F67
#
_entry.id   9F67
#
_cell.length_a   1.00
_cell.length_b   1.00
_cell.length_c   1.00
_cell.angle_alpha   90.00
_cell.angle_beta   90.00
_cell.angle_gamma   90.00
#
_symmetry.space_group_name_H-M   'P 1'
#
loop_
_entity.id
_entity.type
_entity.pdbx_description
1 polymer 'Nuclear cap binding complex subunit CBP30'
2 polymer 'Nuclear cap binding complex subunit CBP110'
3 polymer 'Nuclear cap-binding protein subunit 2'
4 polymer cap4
#
loop_
_entity_poly.entity_id
_entity_poly.type
_entity_poly.pdbx_seq_one_letter_code
_entity_poly.pdbx_strand_id
1 'polypeptide(L)'
;MRRGSGFVHLNTPAAISYSPGQQVSLSDLRQKRRREECVVLPPIMTVWRSAFSQYTKMWGLTKFAGDIEAEREGEGPILP
PIREETVVKSTTHSFKGKSTTVAAAVATPPGEKGIEIVSHHKLCGKQRFVYPDHDGVLSSGIVPKVVISKEEEEEMEANK
KYYISPQEMTEEERNAFEELDAMWKSYARGRSEQGARHRAFAGTVTPGDAMTEVEEETGNNRGNARRRLESHTPRQHPQE
SAAEGNSVAHNTEEALDDALRLIDELLEFN
;
3
2 'polypeptide(L)'
;HHHHHHHHPPSGADPMYAMPGNSGDLQCDDGKKRHIPPLSLLLSGYGSSEGRELDTSYTPKQWLWFLYVTSWARPFFTYA
SSGGASEATEGSSDNRSGSAYWGRLSFDELLKLSGSPIPPAMVSLWMGLCMPTDDVVQELRIMTEGKAEGRQRIYPFLPR
VAESTFGRALRSLAVRQHISSWMPSHAGDVCAALDVLVRDTLEVIQNSADVRKTARVRCEERDASGEEALEGAFRSMLSA
STTAPKVVEATTYRPLFDVKASIPEGGTAQVLIRVANAARLFAALSVEAFGRVKSECAVLLLAHINQRDAPEHVDARAYG
VVTGVVEYAMAYRYCRDDGTGRCPLTCAALLLHRLVELQGIVEKDTAAGDRCMGMAVSASRFANMTVACIQELLFCVVAG
DTVRWHREHQPDGVSVCPTAARTLTLHETDCLLQVFIPALLQQVGFEWPWSESLRHAKMLDRARTQHIVMEDGVRLDSRS
VFEELLVSVARRTYGLRLRAILPQSFDVIAENIFVSIHDVPNEGKSSGGNPEKVADNSSSRFALPLYYRTAGEVLLEYFD
RCGPSGITAEETERVLRRATDVQPMVVQLQALGGDTNGGITDCVSYCGELSRTVYFSAREKERLLQRYRCEVLLASLVVY
TQLRTVSVVQQLTRQLAPLFEQLLLPLAHERTLSRCPVIASRKGDGVDDNGTPLVDLTPEFKMLVDEIHYEFYPLEWVPE
AVDAHIRQECGVREKEGAPYHEGGNGPPCFAQYSLFAAIAHQFGLVLEGNPRGFRGGDGSSSEVRTKAYRFFTLMLLNNL
GDAVSSSCELDGAAALAATRRVKDCQDGSENCKQRQAAVRQRGGASFHSVVSACDVVVTMTQCLLPAHLSSHPRMATTGS
MSNEWMRRVGEWTRSAYSKYTAYQQQVHGLDLPVPLISLYNSLTFDSVPLARETIRAVRSRLLEKMSVVTASPPGDVETA
GKQLLEQHLSSLTVTLTAVGLLPLCVRGGSHVPCATQLLWASPFFSHELLHCGRYEVSV
;
1
3 'polypeptide(L)'
;MAEYLIDLTPRMAYVDRHELLRSLLTEKEFIERRQEQLNKSTTVYVGNLSFYTTEDQIWEHFSRCGHIRDLVMGLSEVTR
TPCGFCFVVFESQDGAMSAVIDLHGTLLDDRVITVSWDVGCDHTRRWGRGAHGGQVVDGVRQNLDSARGGLGVLRREELG
VGAAVAEDQLVHYTWIPPRRVEKRGRS
;
2
4 'polyribonucleotide' (MGT)(A1IC0)(A2M)(OMC)(A1IC1)A A
#
# COMPACT_ATOMS: atom_id res chain seq x y z
N SER A 25 37.03 4.30 18.76
CA SER A 25 37.34 5.68 18.36
C SER A 25 37.69 6.53 19.56
N LEU A 26 36.69 6.72 20.45
CA LEU A 26 36.86 7.54 21.69
C LEU A 26 37.28 8.97 21.32
N SER A 27 36.53 9.65 20.44
CA SER A 27 36.82 10.99 19.98
C SER A 27 35.82 11.97 20.60
N ASP A 28 36.33 13.10 21.09
CA ASP A 28 35.51 14.10 21.76
C ASP A 28 34.99 15.17 20.81
N LEU A 29 35.33 15.08 19.52
CA LEU A 29 34.82 16.02 18.54
C LEU A 29 33.36 15.68 18.20
N ARG A 30 32.43 16.28 18.93
CA ARG A 30 31.00 15.98 18.78
C ARG A 30 30.24 17.27 18.51
N GLN A 31 29.54 17.33 17.39
CA GLN A 31 28.74 18.48 17.03
C GLN A 31 27.41 17.97 16.50
N LYS A 32 26.62 18.86 15.90
CA LYS A 32 25.36 18.46 15.28
C LYS A 32 25.63 17.59 14.05
N ARG A 33 24.82 16.56 13.87
CA ARG A 33 25.01 15.59 12.80
C ARG A 33 23.87 15.62 11.78
N ARG A 34 23.04 16.65 11.80
CA ARG A 34 21.89 16.78 10.88
C ARG A 34 21.04 15.53 11.04
N ARG A 35 20.52 14.99 9.93
CA ARG A 35 19.73 13.74 10.00
C ARG A 35 20.24 12.75 8.93
N GLU A 36 20.69 13.26 7.78
CA GLU A 36 21.14 12.37 6.67
C GLU A 36 22.61 11.97 6.87
N GLU A 37 23.23 12.41 7.97
CA GLU A 37 24.65 12.08 8.25
C GLU A 37 24.70 11.12 9.45
N CYS A 38 23.54 10.76 10.00
CA CYS A 38 23.49 9.89 11.17
C CYS A 38 22.86 8.54 10.85
N VAL A 39 22.87 8.17 9.55
CA VAL A 39 22.26 6.93 9.00
C VAL A 39 23.33 5.91 8.74
N VAL A 40 23.35 4.83 9.50
CA VAL A 40 24.34 3.81 9.18
C VAL A 40 23.61 2.55 8.76
N LEU A 41 23.95 2.04 7.60
CA LEU A 41 23.21 1.02 6.90
C LEU A 41 23.61 -0.38 7.37
N PRO A 42 22.76 -1.38 7.15
CA PRO A 42 23.06 -2.72 7.63
C PRO A 42 24.20 -3.36 6.85
N PRO A 43 24.80 -4.43 7.37
CA PRO A 43 25.90 -5.07 6.65
C PRO A 43 25.51 -5.65 5.30
N ILE A 44 24.22 -5.94 5.08
CA ILE A 44 23.79 -6.52 3.81
C ILE A 44 23.93 -5.56 2.65
N MET A 45 24.19 -4.27 2.92
CA MET A 45 24.29 -3.30 1.85
C MET A 45 25.51 -3.51 0.97
N THR A 46 26.53 -4.21 1.46
CA THR A 46 27.65 -4.54 0.61
C THR A 46 27.23 -5.48 -0.50
N VAL A 47 26.29 -6.37 -0.23
CA VAL A 47 25.77 -7.27 -1.25
C VAL A 47 25.02 -6.48 -2.31
N TRP A 48 24.15 -5.56 -1.89
CA TRP A 48 23.29 -4.88 -2.84
C TRP A 48 24.06 -3.84 -3.65
N ARG A 49 25.04 -3.18 -3.04
CA ARG A 49 25.85 -2.24 -3.80
C ARG A 49 26.72 -2.97 -4.81
N SER A 50 27.26 -4.13 -4.44
CA SER A 50 27.97 -4.96 -5.40
C SER A 50 27.04 -5.42 -6.51
N ALA A 51 25.78 -5.70 -6.18
CA ALA A 51 24.82 -6.10 -7.20
C ALA A 51 24.52 -4.97 -8.17
N PHE A 52 24.35 -3.76 -7.66
CA PHE A 52 24.14 -2.61 -8.53
C PHE A 52 25.35 -2.40 -9.43
N SER A 53 26.55 -2.50 -8.87
CA SER A 53 27.76 -2.34 -9.66
C SER A 53 27.87 -3.41 -10.73
N GLN A 54 27.49 -4.64 -10.41
CA GLN A 54 27.55 -5.72 -11.39
C GLN A 54 26.52 -5.53 -12.49
N TYR A 55 25.30 -5.12 -12.13
CA TYR A 55 24.29 -4.88 -13.15
C TYR A 55 24.62 -3.70 -14.04
N THR A 56 25.32 -2.70 -13.50
CA THR A 56 25.73 -1.56 -14.31
C THR A 56 26.93 -1.91 -15.19
N LYS A 57 27.90 -2.64 -14.65
CA LYS A 57 29.12 -2.95 -15.39
C LYS A 57 28.82 -3.85 -16.57
N MET A 58 28.34 -5.06 -16.31
CA MET A 58 27.76 -5.85 -17.37
C MET A 58 26.39 -5.30 -17.73
N TRP A 59 25.85 -5.76 -18.85
CA TRP A 59 24.65 -5.22 -19.48
C TRP A 59 24.87 -3.82 -20.04
N GLY A 60 26.08 -3.27 -19.93
CA GLY A 60 26.46 -2.08 -20.65
C GLY A 60 25.71 -0.81 -20.31
N LEU A 61 25.54 -0.51 -19.03
CA LEU A 61 24.85 0.69 -18.60
C LEU A 61 25.87 1.71 -18.13
N THR A 62 25.72 2.96 -18.60
CA THR A 62 26.64 4.04 -18.26
C THR A 62 25.86 5.20 -17.68
N LYS A 63 26.49 5.91 -16.74
CA LYS A 63 25.85 7.05 -16.10
C LYS A 63 25.80 8.24 -17.06
N PHE A 64 25.07 9.27 -16.64
CA PHE A 64 24.93 10.47 -17.45
C PHE A 64 26.27 11.16 -17.62
N ALA A 65 26.49 11.74 -18.80
CA ALA A 65 27.62 12.63 -18.98
C ALA A 65 27.33 13.94 -18.26
N GLY A 66 27.78 14.04 -17.02
CA GLY A 66 27.39 15.13 -16.16
C GLY A 66 27.22 14.63 -14.74
N ASP A 67 26.94 13.36 -14.59
CA ASP A 67 26.94 12.78 -13.24
C ASP A 67 28.31 12.15 -13.15
N ILE A 68 28.88 11.75 -14.30
CA ILE A 68 30.26 11.22 -14.35
C ILE A 68 31.20 12.33 -13.97
N GLU A 69 30.91 13.56 -14.36
CA GLU A 69 31.78 14.73 -14.06
C GLU A 69 31.63 15.16 -12.61
N ALA A 70 30.77 14.53 -11.84
CA ALA A 70 30.83 14.80 -10.42
C ALA A 70 32.01 13.94 -9.94
N GLU A 71 33.22 14.24 -10.44
CA GLU A 71 34.51 13.65 -10.02
C GLU A 71 35.18 14.81 -9.30
N ARG A 72 34.45 15.93 -9.25
CA ARG A 72 34.92 17.14 -8.52
C ARG A 72 34.15 17.14 -7.20
N GLU A 73 33.77 15.94 -6.73
CA GLU A 73 33.06 15.77 -5.42
C GLU A 73 31.66 16.33 -5.29
N GLY A 74 30.81 16.16 -6.27
CA GLY A 74 29.42 16.55 -6.02
C GLY A 74 28.52 15.36 -6.14
N GLU A 75 29.03 14.15 -6.09
CA GLU A 75 28.23 12.95 -6.45
C GLU A 75 27.38 12.46 -5.29
N GLY A 76 26.53 11.46 -5.50
CA GLY A 76 25.79 11.06 -4.31
C GLY A 76 26.68 10.71 -3.14
N PRO A 77 26.45 11.23 -1.93
CA PRO A 77 27.18 10.84 -0.73
C PRO A 77 26.36 9.71 -0.16
N ILE A 78 26.90 8.52 -0.11
CA ILE A 78 26.08 7.34 0.23
C ILE A 78 26.48 6.90 1.60
N LEU A 79 25.45 6.54 2.37
CA LEU A 79 25.56 6.21 3.81
C LEU A 79 26.53 5.08 4.11
N PRO A 80 27.20 5.04 5.29
CA PRO A 80 28.10 3.93 5.64
C PRO A 80 27.45 2.62 6.10
N PRO A 81 28.01 1.44 5.73
CA PRO A 81 27.52 0.13 6.12
C PRO A 81 28.21 -0.38 7.39
N ILE A 82 27.51 -1.05 8.31
CA ILE A 82 28.25 -1.26 9.60
C ILE A 82 29.23 -2.44 9.44
N ARG A 83 30.31 -2.46 10.23
CA ARG A 83 31.27 -3.56 10.21
C ARG A 83 32.00 -3.66 8.86
N THR B 56 5.60 -36.09 16.70
CA THR B 56 5.43 -36.81 17.96
C THR B 56 4.58 -38.05 17.75
N SER B 57 3.29 -37.92 18.03
CA SER B 57 2.31 -38.98 17.89
C SER B 57 1.08 -38.46 17.14
N TYR B 58 1.32 -37.83 15.99
CA TYR B 58 0.24 -37.22 15.22
C TYR B 58 -0.85 -38.23 14.89
N THR B 59 -2.09 -37.80 15.02
CA THR B 59 -3.22 -38.57 14.58
C THR B 59 -3.29 -38.56 13.06
N PRO B 60 -4.00 -39.53 12.45
CA PRO B 60 -4.17 -39.48 11.00
C PRO B 60 -4.80 -38.20 10.50
N LYS B 61 -5.58 -37.52 11.34
CA LYS B 61 -6.09 -36.20 10.90
C LYS B 61 -4.90 -35.24 10.81
N GLN B 62 -4.07 -35.23 11.86
CA GLN B 62 -2.88 -34.34 11.89
C GLN B 62 -1.91 -34.71 10.76
N TRP B 63 -1.73 -36.01 10.49
CA TRP B 63 -0.85 -36.43 9.38
C TRP B 63 -1.37 -35.90 8.04
N LEU B 64 -2.67 -35.97 7.79
CA LEU B 64 -3.14 -35.54 6.44
C LEU B 64 -2.80 -34.06 6.26
N TRP B 65 -3.04 -33.24 7.29
CA TRP B 65 -2.82 -31.79 7.12
C TRP B 65 -1.32 -31.53 6.89
N PHE B 66 -0.45 -32.21 7.64
CA PHE B 66 1.02 -32.08 7.45
C PHE B 66 1.36 -32.42 6.01
N LEU B 67 0.71 -33.44 5.46
CA LEU B 67 0.98 -33.90 4.11
C LEU B 67 0.39 -32.84 3.19
N TYR B 68 -0.75 -32.28 3.49
CA TYR B 68 -1.39 -31.31 2.62
C TYR B 68 -0.54 -30.07 2.44
N VAL B 69 0.06 -29.59 3.53
CA VAL B 69 0.92 -28.41 3.42
C VAL B 69 2.30 -28.71 2.83
N THR B 70 2.92 -29.84 3.18
CA THR B 70 4.32 -30.06 2.87
C THR B 70 4.54 -31.40 2.14
N SER B 71 3.75 -31.66 1.11
CA SER B 71 4.05 -32.79 0.23
C SER B 71 4.05 -32.44 -1.24
N TRP B 72 3.57 -31.27 -1.63
CA TRP B 72 3.66 -30.77 -2.99
C TRP B 72 5.09 -30.38 -3.38
N ALA B 73 5.96 -30.16 -2.39
CA ALA B 73 7.29 -29.64 -2.65
C ALA B 73 8.34 -30.71 -2.92
N ARG B 74 8.05 -31.92 -2.58
CA ARG B 74 9.01 -33.00 -2.71
C ARG B 74 9.27 -33.29 -4.18
N PRO B 75 8.31 -33.31 -5.10
CA PRO B 75 8.63 -33.50 -6.52
C PRO B 75 9.57 -32.47 -7.10
N PHE B 76 9.55 -31.25 -6.59
CA PHE B 76 10.39 -30.19 -7.14
C PHE B 76 11.86 -30.36 -6.81
N PHE B 77 12.21 -31.28 -5.93
CA PHE B 77 13.59 -31.54 -5.56
C PHE B 77 14.04 -32.87 -6.14
N THR B 78 15.19 -32.87 -6.80
CA THR B 78 15.74 -34.09 -7.40
C THR B 78 17.26 -34.03 -7.41
N TYR B 101 8.98 -37.84 -5.14
CA TYR B 101 8.70 -38.16 -3.72
C TYR B 101 9.65 -39.30 -3.41
N TRP B 102 10.82 -39.05 -2.79
CA TRP B 102 11.69 -40.23 -2.57
C TRP B 102 10.84 -41.13 -1.69
N GLY B 103 10.13 -40.54 -0.79
CA GLY B 103 9.14 -41.28 -0.01
C GLY B 103 9.79 -41.81 1.22
N ARG B 104 9.06 -41.82 2.29
CA ARG B 104 9.58 -42.49 3.47
C ARG B 104 10.85 -41.78 3.87
N LEU B 105 11.04 -40.55 3.46
CA LEU B 105 12.21 -39.77 3.90
C LEU B 105 11.67 -38.43 4.31
N SER B 106 12.26 -37.79 5.32
CA SER B 106 11.73 -36.44 5.64
C SER B 106 12.39 -35.41 4.72
N PHE B 107 12.05 -34.14 4.92
CA PHE B 107 12.56 -33.11 4.02
C PHE B 107 14.06 -32.87 4.21
N ASP B 108 14.58 -33.09 5.42
CA ASP B 108 16.00 -32.89 5.65
C ASP B 108 16.84 -33.90 4.88
N GLU B 109 16.48 -35.19 4.96
CA GLU B 109 17.22 -36.17 4.19
C GLU B 109 16.89 -36.11 2.72
N LEU B 110 15.73 -35.57 2.36
CA LEU B 110 15.45 -35.28 0.96
C LEU B 110 16.42 -34.23 0.42
N LEU B 111 16.68 -33.19 1.22
CA LEU B 111 17.63 -32.16 0.80
C LEU B 111 19.06 -32.68 0.82
N LYS B 112 19.39 -33.56 1.76
CA LYS B 112 20.73 -34.13 1.81
C LYS B 112 21.07 -34.88 0.53
N LEU B 113 20.07 -35.52 -0.08
CA LEU B 113 20.25 -36.18 -1.37
C LEU B 113 20.21 -35.22 -2.54
N SER B 114 19.86 -33.95 -2.30
CA SER B 114 19.87 -32.92 -3.33
C SER B 114 21.01 -31.92 -3.12
N GLY B 115 22.06 -32.36 -2.44
CA GLY B 115 23.22 -31.53 -2.21
C GLY B 115 23.15 -30.65 -0.98
N SER B 116 22.12 -30.79 -0.16
CA SER B 116 21.96 -30.02 1.07
C SER B 116 22.02 -28.53 0.78
N PRO B 117 21.03 -27.97 0.07
CA PRO B 117 21.10 -26.55 -0.27
C PRO B 117 21.13 -25.62 0.93
N ILE B 118 20.49 -25.98 2.02
CA ILE B 118 20.45 -25.13 3.21
C ILE B 118 21.32 -25.74 4.30
N PRO B 119 21.97 -24.92 5.13
CA PRO B 119 22.82 -25.48 6.18
C PRO B 119 21.99 -25.97 7.35
N PRO B 120 22.58 -26.72 8.28
CA PRO B 120 21.84 -27.20 9.45
C PRO B 120 21.62 -26.11 10.50
N ALA B 121 21.19 -24.94 10.03
CA ALA B 121 20.82 -23.85 10.90
C ALA B 121 19.46 -23.24 10.59
N MET B 122 19.13 -23.39 9.23
CA MET B 122 17.89 -22.83 8.68
C MET B 122 16.87 -23.95 8.54
N VAL B 123 17.24 -25.18 8.83
CA VAL B 123 16.34 -26.33 8.73
C VAL B 123 15.31 -26.08 9.80
N SER B 124 14.06 -26.42 9.51
CA SER B 124 12.95 -26.20 10.49
C SER B 124 12.54 -27.54 11.08
N LEU B 125 11.66 -27.52 12.08
CA LEU B 125 11.27 -28.77 12.73
C LEU B 125 10.44 -29.63 11.81
N TRP B 126 9.57 -29.00 11.00
CA TRP B 126 8.67 -29.81 10.14
C TRP B 126 9.54 -30.56 9.13
N MET B 127 10.78 -30.10 8.95
CA MET B 127 11.64 -30.71 7.95
C MET B 127 12.26 -31.95 8.51
N GLY B 128 12.06 -32.22 9.77
CA GLY B 128 12.73 -33.36 10.37
C GLY B 128 11.75 -34.43 10.74
N LEU B 129 10.49 -34.30 10.31
CA LEU B 129 9.46 -35.27 10.79
C LEU B 129 9.40 -36.50 9.89
N CYS B 130 9.79 -37.65 10.35
CA CYS B 130 9.85 -38.78 9.41
C CYS B 130 8.47 -39.16 9.00
N MET B 131 8.34 -39.86 7.87
CA MET B 131 6.99 -40.21 7.36
C MET B 131 6.46 -41.41 8.16
N PRO B 132 5.15 -41.55 8.38
CA PRO B 132 4.61 -42.59 9.30
C PRO B 132 4.61 -44.09 8.98
N THR B 133 4.26 -44.92 9.97
CA THR B 133 4.17 -46.39 9.87
C THR B 133 2.87 -46.93 10.47
N ASP B 134 2.23 -48.00 9.94
CA ASP B 134 0.90 -48.49 10.45
C ASP B 134 -0.25 -47.59 10.01
N ASP B 135 -0.13 -46.30 10.25
CA ASP B 135 -1.08 -45.27 9.85
C ASP B 135 -1.22 -45.22 8.35
N VAL B 136 -0.17 -45.52 7.63
CA VAL B 136 -0.17 -45.34 6.17
C VAL B 136 -1.29 -46.12 5.52
N VAL B 137 -1.67 -47.30 6.02
CA VAL B 137 -2.87 -48.01 5.45
C VAL B 137 -4.17 -47.40 5.97
N GLN B 138 -4.16 -46.66 7.05
CA GLN B 138 -5.33 -45.90 7.50
C GLN B 138 -5.50 -44.69 6.62
N GLU B 139 -4.41 -44.03 6.32
CA GLU B 139 -4.54 -42.79 5.54
C GLU B 139 -4.89 -43.18 4.11
N LEU B 140 -4.46 -44.31 3.64
CA LEU B 140 -4.76 -44.62 2.22
C LEU B 140 -6.28 -44.68 2.06
N ARG B 141 -7.01 -45.25 3.02
CA ARG B 141 -8.48 -45.37 2.92
C ARG B 141 -9.07 -43.97 2.81
N ILE B 142 -8.55 -43.01 3.54
CA ILE B 142 -9.14 -41.65 3.54
C ILE B 142 -8.68 -40.80 2.33
N ILE B 154 -13.81 -31.80 2.55
CA ILE B 154 -12.69 -32.44 1.86
C ILE B 154 -11.40 -32.06 2.56
N TYR B 155 -10.69 -31.10 1.99
CA TYR B 155 -9.50 -30.55 2.62
C TYR B 155 -9.80 -29.16 3.13
N PRO B 156 -9.50 -28.86 4.40
CA PRO B 156 -9.81 -27.53 4.94
C PRO B 156 -9.00 -26.45 4.24
N PHE B 157 -9.52 -25.21 4.27
CA PHE B 157 -8.84 -24.07 3.61
C PHE B 157 -7.72 -23.55 4.51
N LEU B 158 -7.13 -22.40 4.15
CA LEU B 158 -5.97 -21.87 4.91
C LEU B 158 -6.39 -20.61 5.69
N PRO B 159 -5.61 -20.17 6.71
CA PRO B 159 -6.00 -19.01 7.52
C PRO B 159 -6.14 -17.70 6.76
N ARG B 160 -5.16 -17.36 5.91
CA ARG B 160 -5.21 -16.02 5.26
C ARG B 160 -4.73 -16.02 3.80
N VAL B 161 -5.27 -16.89 2.94
CA VAL B 161 -4.89 -16.78 1.54
C VAL B 161 -6.06 -17.26 0.68
N ALA B 162 -6.34 -16.52 -0.38
CA ALA B 162 -7.33 -16.93 -1.37
C ALA B 162 -6.67 -17.95 -2.28
N GLU B 163 -6.80 -19.23 -1.92
CA GLU B 163 -6.13 -20.29 -2.65
C GLU B 163 -6.70 -20.44 -4.06
N SER B 164 -5.85 -20.87 -4.97
CA SER B 164 -6.27 -21.12 -6.33
C SER B 164 -6.82 -22.52 -6.48
N THR B 165 -7.62 -22.72 -7.53
CA THR B 165 -8.14 -24.04 -7.83
C THR B 165 -7.01 -25.02 -8.15
N PHE B 166 -6.01 -24.56 -8.90
CA PHE B 166 -4.88 -25.42 -9.22
C PHE B 166 -4.10 -25.78 -7.96
N GLY B 167 -3.87 -24.81 -7.08
CA GLY B 167 -3.13 -25.09 -5.86
C GLY B 167 -3.85 -26.05 -4.95
N ARG B 168 -5.17 -25.91 -4.82
CA ARG B 168 -5.93 -26.84 -4.02
C ARG B 168 -5.90 -28.25 -4.61
N ALA B 169 -5.96 -28.34 -5.93
CA ALA B 169 -5.94 -29.66 -6.58
C ALA B 169 -4.56 -30.28 -6.52
N LEU B 170 -3.52 -29.50 -6.78
CA LEU B 170 -2.17 -30.04 -6.75
C LEU B 170 -1.77 -30.49 -5.34
N ARG B 171 -2.11 -29.69 -4.33
CA ARG B 171 -1.78 -30.06 -2.97
C ARG B 171 -2.63 -31.22 -2.47
N SER B 172 -3.79 -31.46 -3.09
CA SER B 172 -4.62 -32.60 -2.74
C SER B 172 -4.20 -33.86 -3.48
N LEU B 173 -3.70 -33.72 -4.71
CA LEU B 173 -3.19 -34.85 -5.49
C LEU B 173 -1.81 -35.29 -5.02
N ALA B 174 -1.08 -34.44 -4.31
CA ALA B 174 0.21 -34.82 -3.78
C ALA B 174 0.11 -35.71 -2.56
N VAL B 175 -0.90 -35.51 -1.72
CA VAL B 175 -1.17 -36.45 -0.64
C VAL B 175 -1.61 -37.79 -1.20
N ARG B 176 -2.38 -37.77 -2.28
CA ARG B 176 -2.78 -39.00 -2.97
C ARG B 176 -1.58 -39.75 -3.53
N GLN B 177 -0.54 -39.04 -3.97
CA GLN B 177 0.61 -39.64 -4.63
C GLN B 177 1.80 -39.78 -3.71
N HIS B 178 1.67 -39.30 -2.48
CA HIS B 178 2.78 -39.47 -1.51
C HIS B 178 2.55 -40.81 -0.81
N ILE B 179 1.28 -41.12 -0.48
CA ILE B 179 1.01 -42.35 0.24
C ILE B 179 1.06 -43.54 -0.70
N SER B 180 0.72 -43.33 -1.98
CA SER B 180 0.81 -44.39 -2.96
C SER B 180 2.24 -44.70 -3.36
N SER B 181 3.21 -43.87 -2.96
CA SER B 181 4.62 -44.12 -3.20
C SER B 181 5.30 -44.74 -2.00
N TRP B 182 4.55 -44.87 -0.93
CA TRP B 182 5.07 -45.43 0.32
C TRP B 182 4.74 -46.91 0.30
N ALA B 192 9.79 -36.62 -13.78
CA ALA B 192 9.01 -37.85 -13.64
C ALA B 192 7.82 -37.63 -12.71
N ALA B 193 8.11 -37.47 -11.42
CA ALA B 193 7.06 -37.28 -10.43
C ALA B 193 6.39 -35.90 -10.56
N LEU B 194 7.15 -34.88 -10.94
CA LEU B 194 6.55 -33.56 -11.12
C LEU B 194 5.66 -33.52 -12.35
N ASP B 195 6.10 -34.15 -13.45
CA ASP B 195 5.33 -34.12 -14.68
C ASP B 195 3.98 -34.79 -14.52
N VAL B 196 3.94 -35.94 -13.84
CA VAL B 196 2.67 -36.62 -13.65
C VAL B 196 1.78 -35.83 -12.69
N LEU B 197 2.37 -35.20 -11.67
CA LEU B 197 1.58 -34.43 -10.73
C LEU B 197 0.89 -33.25 -11.40
N VAL B 198 1.61 -32.50 -12.23
CA VAL B 198 1.01 -31.34 -12.87
C VAL B 198 0.04 -31.76 -13.98
N ARG B 199 0.34 -32.84 -14.70
CA ARG B 199 -0.59 -33.31 -15.73
C ARG B 199 -1.92 -33.73 -15.14
N ASP B 200 -1.89 -34.45 -14.02
CA ASP B 200 -3.13 -34.86 -13.37
C ASP B 200 -3.89 -33.66 -12.83
N THR B 201 -3.18 -32.67 -12.27
CA THR B 201 -3.85 -31.50 -11.71
C THR B 201 -4.58 -30.72 -12.78
N LEU B 202 -3.96 -30.55 -13.95
CA LEU B 202 -4.63 -29.85 -15.04
C LEU B 202 -5.86 -30.61 -15.51
N GLU B 203 -5.76 -31.93 -15.61
CA GLU B 203 -6.89 -32.73 -16.04
C GLU B 203 -8.06 -32.63 -15.06
N VAL B 204 -7.75 -32.53 -13.77
CA VAL B 204 -8.81 -32.43 -12.77
C VAL B 204 -9.59 -31.14 -12.95
N ILE B 205 -8.90 -30.04 -13.25
CA ILE B 205 -9.56 -28.74 -13.36
C ILE B 205 -10.50 -28.72 -14.56
N GLN B 206 -10.05 -29.21 -15.71
CA GLN B 206 -10.89 -29.17 -16.91
C GLN B 206 -12.16 -30.00 -16.73
N ASN B 207 -12.04 -31.19 -16.14
CA ASN B 207 -13.19 -32.05 -15.90
C ASN B 207 -13.87 -31.62 -14.59
N SER B 208 -14.54 -30.48 -14.66
CA SER B 208 -15.28 -29.90 -13.54
C SER B 208 -14.40 -29.68 -12.31
N GLU B 227 7.87 -24.18 -21.48
CA GLU B 227 7.11 -25.13 -22.30
C GLU B 227 5.76 -25.47 -21.68
N GLU B 228 4.94 -26.21 -22.43
CA GLU B 228 3.58 -26.51 -21.99
C GLU B 228 3.61 -27.43 -20.78
N ALA B 229 2.44 -27.55 -20.13
CA ALA B 229 2.17 -28.35 -18.95
C ALA B 229 2.82 -27.81 -17.69
N LEU B 230 3.65 -26.78 -17.79
CA LEU B 230 4.16 -26.04 -16.65
C LEU B 230 3.93 -24.56 -16.80
N GLU B 231 4.04 -24.03 -18.02
CA GLU B 231 3.59 -22.67 -18.28
C GLU B 231 2.08 -22.56 -18.13
N GLY B 232 1.34 -23.56 -18.61
CA GLY B 232 -0.10 -23.57 -18.42
C GLY B 232 -0.50 -23.72 -16.97
N ALA B 233 0.30 -24.45 -16.19
CA ALA B 233 0.01 -24.59 -14.77
C ALA B 233 0.19 -23.27 -14.03
N PHE B 234 1.23 -22.52 -14.39
CA PHE B 234 1.43 -21.20 -13.79
C PHE B 234 0.30 -20.25 -14.14
N ARG B 235 -0.17 -20.30 -15.39
CA ARG B 235 -1.26 -19.44 -15.82
C ARG B 235 -2.55 -19.78 -15.10
N SER B 236 -2.83 -21.06 -14.90
CA SER B 236 -4.04 -21.47 -14.20
C SER B 236 -4.03 -20.99 -12.76
N MET B 237 -2.88 -21.04 -12.10
CA MET B 237 -2.78 -20.58 -10.73
C MET B 237 -3.06 -19.09 -10.62
N LEU B 238 -2.51 -18.29 -11.52
CA LEU B 238 -2.62 -16.84 -11.45
C LEU B 238 -3.80 -16.32 -12.29
N SER B 239 -4.98 -16.89 -12.09
CA SER B 239 -6.14 -16.52 -12.89
C SER B 239 -7.39 -16.53 -12.01
N ALA B 240 -8.40 -15.78 -12.44
CA ALA B 240 -9.63 -15.66 -11.68
C ALA B 240 -10.38 -16.98 -11.64
N PRO B 255 -7.31 -16.01 -19.02
CA PRO B 255 -6.16 -16.52 -18.27
C PRO B 255 -5.04 -15.51 -18.17
N LEU B 256 -4.07 -15.75 -17.30
CA LEU B 256 -2.97 -14.80 -17.14
C LEU B 256 -2.06 -14.85 -18.34
N PHE B 257 -1.69 -13.67 -18.83
CA PHE B 257 -0.62 -13.54 -19.81
C PHE B 257 0.69 -13.42 -19.05
N ASP B 258 1.65 -14.29 -19.35
CA ASP B 258 2.91 -14.27 -18.64
C ASP B 258 3.64 -12.95 -18.85
N VAL B 259 4.10 -12.35 -17.76
CA VAL B 259 4.77 -11.06 -17.85
C VAL B 259 6.17 -11.23 -18.41
N LYS B 260 6.88 -12.28 -18.00
CA LYS B 260 8.25 -12.52 -18.42
C LYS B 260 8.37 -13.87 -19.12
N ALA B 261 9.16 -13.90 -20.19
CA ALA B 261 9.29 -15.08 -21.03
C ALA B 261 10.52 -15.88 -20.66
N SER B 262 10.34 -17.21 -20.59
CA SER B 262 11.44 -18.11 -20.29
C SER B 262 12.12 -18.66 -21.53
N ILE B 263 11.58 -18.40 -22.73
CA ILE B 263 12.27 -18.80 -23.95
C ILE B 263 13.63 -18.13 -24.10
N PRO B 264 13.79 -16.82 -23.84
CA PRO B 264 15.14 -16.23 -23.91
C PRO B 264 16.07 -16.68 -22.79
N GLU B 265 16.71 -17.84 -22.99
CA GLU B 265 17.77 -18.36 -22.12
C GLU B 265 19.11 -18.50 -22.82
N GLY B 266 19.11 -18.88 -24.09
CA GLY B 266 20.35 -19.14 -24.79
C GLY B 266 20.13 -19.90 -26.09
N GLY B 267 20.88 -20.97 -26.28
CA GLY B 267 20.70 -21.82 -27.45
C GLY B 267 21.08 -23.25 -27.15
N THR B 268 20.37 -24.19 -27.78
CA THR B 268 20.61 -25.62 -27.65
C THR B 268 20.54 -26.10 -26.20
N ALA B 269 19.60 -25.54 -25.43
CA ALA B 269 19.39 -25.99 -24.05
C ALA B 269 17.93 -25.72 -23.68
N GLN B 270 17.10 -26.76 -23.75
CA GLN B 270 15.73 -26.70 -23.27
C GLN B 270 15.60 -27.14 -21.81
N VAL B 271 16.68 -27.66 -21.22
CA VAL B 271 16.66 -28.04 -19.82
C VAL B 271 16.49 -26.80 -18.95
N LEU B 272 17.14 -25.70 -19.32
CA LEU B 272 17.06 -24.48 -18.52
C LEU B 272 15.65 -23.93 -18.51
N ILE B 273 14.93 -24.03 -19.62
CA ILE B 273 13.56 -23.57 -19.66
C ILE B 273 12.70 -24.38 -18.71
N ARG B 274 12.89 -25.70 -18.69
CA ARG B 274 12.15 -26.55 -17.76
C ARG B 274 12.46 -26.19 -16.32
N VAL B 275 13.73 -25.95 -16.02
CA VAL B 275 14.13 -25.59 -14.66
C VAL B 275 13.50 -24.26 -14.26
N ALA B 276 13.51 -23.28 -15.15
CA ALA B 276 12.92 -21.98 -14.85
C ALA B 276 11.41 -22.08 -14.65
N ASN B 277 10.73 -22.85 -15.50
CA ASN B 277 9.29 -23.02 -15.34
C ASN B 277 8.94 -23.72 -14.03
N ALA B 278 9.70 -24.76 -13.68
CA ALA B 278 9.48 -25.42 -12.40
C ALA B 278 9.74 -24.46 -11.24
N ALA B 279 10.75 -23.60 -11.37
CA ALA B 279 11.01 -22.61 -10.34
C ALA B 279 9.87 -21.62 -10.19
N ARG B 280 9.29 -21.17 -11.31
CA ARG B 280 8.17 -20.24 -11.24
C ARG B 280 6.97 -20.89 -10.56
N LEU B 281 6.66 -22.12 -10.94
CA LEU B 281 5.56 -22.83 -10.29
C LEU B 281 5.82 -23.04 -8.81
N PHE B 282 7.06 -23.39 -8.47
CA PHE B 282 7.41 -23.60 -7.07
C PHE B 282 7.26 -22.31 -6.27
N ALA B 283 7.69 -21.19 -6.84
CA ALA B 283 7.54 -19.91 -6.14
C ALA B 283 6.08 -19.58 -5.93
N ALA B 284 5.25 -19.79 -6.95
CA ALA B 284 3.82 -19.51 -6.80
C ALA B 284 3.21 -20.36 -5.70
N LEU B 285 3.49 -21.66 -5.72
CA LEU B 285 2.91 -22.56 -4.73
C LEU B 285 3.45 -22.27 -3.33
N SER B 286 4.73 -21.91 -3.23
CA SER B 286 5.32 -21.61 -1.93
C SER B 286 4.74 -20.33 -1.34
N VAL B 287 4.50 -19.32 -2.17
CA VAL B 287 3.84 -18.12 -1.66
C VAL B 287 2.40 -18.43 -1.27
N GLU B 288 1.75 -19.33 -2.01
CA GLU B 288 0.39 -19.70 -1.66
C GLU B 288 0.33 -20.42 -0.31
N ALA B 289 1.27 -21.32 -0.04
CA ALA B 289 1.19 -22.16 1.15
C ALA B 289 1.96 -21.56 2.33
N PHE B 290 3.28 -21.38 2.18
CA PHE B 290 4.14 -20.87 3.22
C PHE B 290 4.25 -19.34 3.20
N GLY B 291 3.34 -18.65 2.51
CA GLY B 291 3.51 -17.23 2.30
C GLY B 291 3.45 -16.41 3.57
N ARG B 292 2.58 -16.81 4.50
CA ARG B 292 2.38 -16.02 5.71
C ARG B 292 3.53 -16.12 6.69
N VAL B 293 4.46 -17.05 6.50
CA VAL B 293 5.67 -17.13 7.28
C VAL B 293 6.82 -16.82 6.33
N LYS B 294 7.37 -15.61 6.45
CA LYS B 294 8.35 -15.14 5.47
C LYS B 294 9.63 -15.98 5.51
N SER B 295 10.11 -16.30 6.71
CA SER B 295 11.36 -17.03 6.83
C SER B 295 11.24 -18.44 6.25
N GLU B 296 10.12 -19.12 6.49
CA GLU B 296 9.93 -20.45 5.96
C GLU B 296 9.90 -20.44 4.44
N CYS B 297 9.18 -19.48 3.86
CA CYS B 297 9.12 -19.39 2.40
C CYS B 297 10.49 -19.08 1.83
N ALA B 298 11.23 -18.18 2.47
CA ALA B 298 12.57 -17.86 1.99
C ALA B 298 13.49 -19.08 2.06
N VAL B 299 13.39 -19.86 3.14
CA VAL B 299 14.22 -21.05 3.27
C VAL B 299 13.86 -22.08 2.21
N LEU B 300 12.57 -22.28 1.96
CA LEU B 300 12.15 -23.23 0.93
C LEU B 300 12.63 -22.81 -0.45
N LEU B 301 12.50 -21.51 -0.77
CA LEU B 301 12.95 -21.03 -2.07
C LEU B 301 14.47 -21.15 -2.19
N LEU B 302 15.20 -20.84 -1.12
CA LEU B 302 16.65 -21.02 -1.12
C LEU B 302 17.01 -22.48 -1.36
N ALA B 303 16.30 -23.40 -0.71
CA ALA B 303 16.58 -24.81 -0.90
C ALA B 303 16.35 -25.22 -2.35
N HIS B 304 15.29 -24.71 -2.97
CA HIS B 304 15.06 -25.03 -4.38
C HIS B 304 16.17 -24.47 -5.25
N ILE B 305 16.56 -23.22 -5.03
CA ILE B 305 17.49 -22.56 -5.91
C ILE B 305 18.89 -23.15 -5.77
N ASN B 306 19.30 -23.46 -4.55
CA ASN B 306 20.67 -23.84 -4.26
C ASN B 306 20.92 -25.34 -4.41
N GLN B 307 20.14 -26.04 -5.21
CA GLN B 307 20.45 -27.42 -5.53
C GLN B 307 21.74 -27.49 -6.35
N ARG B 308 22.44 -28.60 -6.22
CA ARG B 308 23.75 -28.78 -6.86
C ARG B 308 23.67 -29.57 -8.15
N ASP B 309 22.62 -29.35 -8.95
CA ASP B 309 22.54 -30.03 -10.24
C ASP B 309 23.65 -29.58 -11.18
N ALA B 310 23.81 -28.27 -11.35
CA ALA B 310 24.77 -27.72 -12.31
C ALA B 310 24.97 -26.26 -12.01
N PRO B 311 26.14 -25.68 -12.33
CA PRO B 311 26.34 -24.25 -12.06
C PRO B 311 25.38 -23.34 -12.81
N GLU B 312 25.00 -23.69 -14.04
CA GLU B 312 24.13 -22.84 -14.82
C GLU B 312 22.66 -23.00 -14.48
N HIS B 313 22.32 -24.04 -13.71
CA HIS B 313 20.94 -24.25 -13.29
C HIS B 313 20.52 -23.31 -12.16
N VAL B 314 21.47 -22.84 -11.35
CA VAL B 314 21.13 -21.95 -10.25
C VAL B 314 20.56 -20.64 -10.76
N ASP B 315 21.15 -20.08 -11.80
CA ASP B 315 20.67 -18.82 -12.35
C ASP B 315 19.25 -18.95 -12.87
N ALA B 316 18.95 -20.05 -13.55
CA ALA B 316 17.60 -20.26 -14.06
C ALA B 316 16.60 -20.36 -12.93
N ARG B 317 16.94 -21.11 -11.88
CA ARG B 317 16.05 -21.23 -10.74
C ARG B 317 15.81 -19.89 -10.06
N ALA B 318 16.87 -19.09 -9.89
CA ALA B 318 16.72 -17.79 -9.25
C ALA B 318 15.84 -16.86 -10.09
N TYR B 319 16.05 -16.85 -11.41
CA TYR B 319 15.23 -16.04 -12.30
C TYR B 319 13.77 -16.47 -12.22
N GLY B 320 13.53 -17.78 -12.23
CA GLY B 320 12.17 -18.26 -12.11
C GLY B 320 11.53 -17.89 -10.80
N VAL B 321 12.27 -17.97 -9.70
CA VAL B 321 11.72 -17.65 -8.39
C VAL B 321 11.36 -16.18 -8.31
N VAL B 322 12.25 -15.30 -8.77
CA VAL B 322 11.97 -13.86 -8.73
C VAL B 322 10.75 -13.55 -9.58
N THR B 323 10.71 -14.10 -10.80
CA THR B 323 9.58 -13.86 -11.68
C THR B 323 8.27 -14.37 -11.07
N GLY B 324 8.30 -15.55 -10.48
CA GLY B 324 7.10 -16.11 -9.90
C GLY B 324 6.59 -15.29 -8.73
N VAL B 325 7.49 -14.86 -7.85
CA VAL B 325 7.07 -14.05 -6.72
C VAL B 325 6.43 -12.75 -7.19
N VAL B 326 7.08 -12.07 -8.13
CA VAL B 326 6.57 -10.78 -8.61
C VAL B 326 5.21 -10.97 -9.28
N GLU B 327 5.13 -11.91 -10.22
CA GLU B 327 3.89 -12.09 -10.97
C GLU B 327 2.76 -12.56 -10.08
N TYR B 328 3.04 -13.46 -9.14
CA TYR B 328 2.01 -13.91 -8.21
C TYR B 328 1.50 -12.77 -7.35
N ALA B 329 2.40 -11.90 -6.89
CA ALA B 329 1.95 -10.75 -6.10
C ALA B 329 1.02 -9.86 -6.91
N MET B 330 1.40 -9.54 -8.15
CA MET B 330 0.56 -8.66 -8.97
C MET B 330 -0.79 -9.32 -9.27
N ALA B 331 -0.78 -10.60 -9.64
CA ALA B 331 -2.04 -11.28 -9.95
C ALA B 331 -2.93 -11.39 -8.71
N TYR B 332 -2.33 -11.65 -7.55
CA TYR B 332 -3.10 -11.68 -6.31
C TYR B 332 -3.77 -10.35 -6.03
N ARG B 333 -3.03 -9.25 -6.16
CA ARG B 333 -3.67 -7.95 -5.94
C ARG B 333 -4.68 -7.62 -7.02
N TYR B 334 -4.58 -8.25 -8.18
CA TYR B 334 -5.52 -7.96 -9.26
C TYR B 334 -6.84 -8.70 -9.08
N CYS B 335 -6.80 -10.00 -8.83
CA CYS B 335 -7.99 -10.82 -8.94
C CYS B 335 -8.17 -11.79 -7.78
N ARG B 336 -7.74 -11.41 -6.58
CA ARG B 336 -7.87 -12.29 -5.42
C ARG B 336 -8.37 -11.49 -4.23
N ASP B 337 -9.44 -11.96 -3.62
CA ASP B 337 -10.01 -11.35 -2.43
C ASP B 337 -9.87 -12.33 -1.28
N ASP B 338 -9.16 -11.93 -0.24
CA ASP B 338 -8.95 -12.79 0.92
C ASP B 338 -9.36 -12.17 2.25
N GLY B 339 -9.68 -10.88 2.27
CA GLY B 339 -10.16 -10.24 3.48
C GLY B 339 -9.19 -10.21 4.63
N THR B 340 -7.94 -9.83 4.38
CA THR B 340 -6.94 -9.74 5.44
C THR B 340 -6.23 -8.40 5.53
N GLY B 341 -6.31 -7.55 4.51
CA GLY B 341 -5.66 -6.25 4.61
C GLY B 341 -4.15 -6.29 4.57
N ARG B 342 -3.58 -7.36 4.06
CA ARG B 342 -2.14 -7.51 3.90
C ARG B 342 -1.80 -7.34 2.43
N CYS B 343 -0.84 -6.47 2.15
CA CYS B 343 -0.48 -6.16 0.77
C CYS B 343 0.40 -7.26 0.21
N PRO B 344 -0.02 -7.95 -0.86
CA PRO B 344 0.84 -8.97 -1.45
C PRO B 344 2.15 -8.43 -2.00
N LEU B 345 2.16 -7.19 -2.48
CA LEU B 345 3.37 -6.66 -3.10
C LEU B 345 4.45 -6.37 -2.06
N THR B 346 4.08 -5.78 -0.93
CA THR B 346 5.06 -5.54 0.13
C THR B 346 5.62 -6.85 0.64
N CYS B 347 4.75 -7.86 0.78
CA CYS B 347 5.22 -9.17 1.22
C CYS B 347 6.15 -9.79 0.19
N ALA B 348 5.88 -9.60 -1.10
CA ALA B 348 6.78 -10.10 -2.12
C ALA B 348 8.15 -9.41 -2.04
N ALA B 349 8.16 -8.10 -1.86
CA ALA B 349 9.42 -7.38 -1.74
C ALA B 349 10.22 -7.83 -0.53
N LEU B 350 9.53 -7.98 0.60
CA LEU B 350 10.22 -8.43 1.82
C LEU B 350 10.71 -9.86 1.68
N LEU B 351 9.96 -10.70 0.95
CA LEU B 351 10.40 -12.06 0.72
C LEU B 351 11.66 -12.10 -0.14
N LEU B 352 11.72 -11.26 -1.17
CA LEU B 352 12.93 -11.21 -1.99
C LEU B 352 14.13 -10.71 -1.18
N HIS B 353 13.96 -9.69 -0.39
CA HIS B 353 15.07 -9.19 0.45
C HIS B 353 15.45 -10.21 1.51
N ARG B 354 14.54 -10.99 2.06
CA ARG B 354 14.90 -12.06 2.96
C ARG B 354 15.64 -13.17 2.23
N LEU B 355 15.27 -13.44 0.98
CA LEU B 355 15.99 -14.41 0.18
C LEU B 355 17.45 -14.00 0.01
N VAL B 356 17.67 -12.73 -0.31
CA VAL B 356 19.04 -12.24 -0.47
C VAL B 356 19.81 -12.33 0.84
N GLU B 357 19.17 -11.96 1.95
CA GLU B 357 19.84 -12.02 3.25
C GLU B 357 20.21 -13.46 3.63
N LEU B 358 19.30 -14.40 3.38
CA LEU B 358 19.59 -15.80 3.68
C LEU B 358 20.66 -16.36 2.76
N GLN B 359 20.69 -15.88 1.52
CA GLN B 359 21.78 -16.25 0.62
C GLN B 359 23.11 -15.76 1.16
N GLY B 360 23.15 -14.54 1.68
CA GLY B 360 24.36 -14.02 2.27
C GLY B 360 24.80 -14.82 3.48
N ILE B 361 23.86 -15.19 4.34
CA ILE B 361 24.20 -15.98 5.52
C ILE B 361 24.70 -17.36 5.11
N VAL B 362 24.04 -17.96 4.12
CA VAL B 362 24.50 -19.28 3.59
C VAL B 362 25.87 -19.06 2.92
N GLU B 363 26.03 -17.95 2.20
CA GLU B 363 27.32 -17.63 1.55
C GLU B 363 28.42 -17.60 2.61
N LYS B 364 28.13 -17.02 3.78
CA LYS B 364 29.12 -17.00 4.88
C LYS B 364 29.40 -18.46 5.31
N ASP B 365 30.67 -18.88 5.24
CA ASP B 365 31.06 -20.27 5.62
C ASP B 365 32.36 -20.25 6.41
N VAL B 377 24.95 -19.13 -5.64
CA VAL B 377 25.66 -19.43 -4.41
C VAL B 377 26.10 -18.15 -3.73
N SER B 378 26.03 -17.04 -4.47
CA SER B 378 26.39 -15.72 -3.96
C SER B 378 25.14 -14.85 -3.93
N ALA B 379 24.94 -14.14 -2.83
CA ALA B 379 23.80 -13.24 -2.72
C ALA B 379 23.88 -12.11 -3.74
N SER B 380 25.09 -11.78 -4.18
CA SER B 380 25.24 -10.74 -5.19
C SER B 380 24.55 -11.13 -6.50
N ARG B 381 24.66 -12.39 -6.90
CA ARG B 381 24.02 -12.82 -8.13
C ARG B 381 22.50 -12.77 -8.02
N PHE B 382 21.96 -13.17 -6.87
CA PHE B 382 20.51 -13.10 -6.67
C PHE B 382 20.01 -11.67 -6.70
N ALA B 383 20.72 -10.76 -6.01
CA ALA B 383 20.31 -9.36 -6.04
C ALA B 383 20.47 -8.78 -7.44
N ASN B 384 21.48 -9.22 -8.18
CA ASN B 384 21.64 -8.81 -9.57
C ASN B 384 20.44 -9.24 -10.40
N MET B 385 19.98 -10.48 -10.19
CA MET B 385 18.80 -10.99 -10.93
C MET B 385 17.56 -10.17 -10.51
N THR B 386 17.41 -9.92 -9.20
CA THR B 386 16.24 -9.18 -8.70
C THR B 386 16.18 -7.81 -9.36
N VAL B 387 17.34 -7.14 -9.42
CA VAL B 387 17.39 -5.78 -10.03
C VAL B 387 17.11 -5.91 -11.53
N ALA B 388 17.77 -6.85 -12.22
CA ALA B 388 17.60 -6.97 -13.66
C ALA B 388 16.14 -7.14 -14.03
N CYS B 389 15.41 -7.96 -13.26
CA CYS B 389 13.98 -8.15 -13.54
C CYS B 389 13.21 -6.85 -13.33
N ILE B 390 13.49 -6.14 -12.23
CA ILE B 390 12.77 -4.89 -11.97
C ILE B 390 13.07 -3.87 -13.07
N GLN B 391 14.33 -3.78 -13.49
CA GLN B 391 14.69 -2.85 -14.55
C GLN B 391 14.06 -3.23 -15.88
N GLU B 392 13.94 -4.53 -16.16
CA GLU B 392 13.29 -4.93 -17.40
C GLU B 392 11.83 -4.52 -17.41
N LEU B 393 11.14 -4.69 -16.27
CA LEU B 393 9.76 -4.23 -16.19
C LEU B 393 9.68 -2.72 -16.36
N LEU B 394 10.61 -2.00 -15.73
CA LEU B 394 10.63 -0.55 -15.82
C LEU B 394 10.82 -0.08 -17.27
N PHE B 395 11.76 -0.70 -17.97
CA PHE B 395 12.04 -0.34 -19.36
C PHE B 395 10.93 -0.78 -20.30
N CYS B 396 10.20 -1.84 -19.95
CA CYS B 396 9.03 -2.20 -20.75
C CYS B 396 7.91 -1.19 -20.56
N VAL B 397 7.77 -0.64 -19.35
CA VAL B 397 6.80 0.43 -19.13
C VAL B 397 7.18 1.67 -19.93
N VAL B 398 8.47 2.03 -19.90
CA VAL B 398 8.91 3.24 -20.58
C VAL B 398 8.84 3.07 -22.10
N ALA B 399 9.31 1.94 -22.61
CA ALA B 399 9.40 1.74 -24.05
C ALA B 399 8.04 1.50 -24.68
N GLY B 400 7.16 0.80 -23.98
CA GLY B 400 5.85 0.49 -24.49
C GLY B 400 5.76 -0.73 -25.37
N ASP B 401 6.86 -1.46 -25.55
CA ASP B 401 6.86 -2.70 -26.29
C ASP B 401 7.97 -3.59 -25.76
N THR B 402 7.92 -4.86 -26.16
CA THR B 402 8.92 -5.85 -25.74
C THR B 402 10.20 -5.55 -26.51
N VAL B 403 10.93 -4.55 -26.03
CA VAL B 403 12.15 -4.09 -26.67
C VAL B 403 13.24 -5.15 -26.66
N ARG B 404 13.15 -6.13 -25.76
CA ARG B 404 14.18 -7.15 -25.57
C ARG B 404 15.53 -6.49 -25.28
N TRP B 405 15.50 -5.51 -24.37
CA TRP B 405 16.70 -4.73 -24.08
C TRP B 405 17.80 -5.60 -23.50
N HIS B 406 17.46 -6.47 -22.55
CA HIS B 406 18.48 -7.28 -21.89
C HIS B 406 19.02 -8.39 -22.76
N ARG B 407 18.27 -8.80 -23.79
CA ARG B 407 18.80 -9.77 -24.74
C ARG B 407 19.79 -9.13 -25.71
N GLU B 408 19.55 -7.88 -26.09
CA GLU B 408 20.42 -7.18 -27.02
C GLU B 408 21.74 -6.82 -26.35
N HIS B 409 21.68 -5.98 -25.33
CA HIS B 409 22.87 -5.66 -24.54
C HIS B 409 23.11 -6.81 -23.59
N GLN B 410 23.99 -7.74 -23.98
CA GLN B 410 24.17 -8.94 -23.20
C GLN B 410 25.65 -9.26 -23.01
N PRO B 411 26.04 -9.78 -21.86
CA PRO B 411 27.46 -10.03 -21.59
C PRO B 411 28.08 -11.07 -22.50
N ASP B 412 27.51 -12.27 -22.49
CA ASP B 412 28.07 -13.38 -23.24
C ASP B 412 26.98 -14.38 -23.62
N GLY B 413 27.38 -15.51 -24.19
CA GLY B 413 26.41 -16.49 -24.66
C GLY B 413 25.92 -17.42 -23.57
N VAL B 414 26.46 -17.28 -22.37
CA VAL B 414 26.04 -18.12 -21.25
C VAL B 414 25.60 -17.24 -20.07
N SER B 415 24.30 -16.95 -20.00
CA SER B 415 23.69 -16.16 -18.94
C SER B 415 22.19 -16.16 -19.18
N VAL B 416 21.44 -15.74 -18.17
CA VAL B 416 20.00 -15.57 -18.27
C VAL B 416 19.70 -14.08 -18.13
N CYS B 417 19.12 -13.50 -19.17
CA CYS B 417 18.77 -12.09 -19.19
C CYS B 417 17.26 -11.95 -19.12
N PRO B 418 16.70 -11.35 -18.07
CA PRO B 418 15.25 -11.24 -17.97
C PRO B 418 14.67 -10.48 -19.14
N THR B 419 13.54 -10.95 -19.64
CA THR B 419 12.90 -10.39 -20.83
C THR B 419 11.39 -10.44 -20.64
N ALA B 420 10.75 -9.29 -20.71
CA ALA B 420 9.30 -9.25 -20.62
C ALA B 420 8.68 -9.84 -21.88
N ALA B 421 7.64 -10.65 -21.69
CA ALA B 421 6.92 -11.24 -22.81
C ALA B 421 5.81 -10.36 -23.34
N ARG B 422 5.45 -9.31 -22.62
CA ARG B 422 4.36 -8.42 -23.02
C ARG B 422 4.54 -7.08 -22.33
N THR B 423 3.85 -6.08 -22.86
CA THR B 423 3.81 -4.79 -22.20
C THR B 423 3.04 -4.89 -20.88
N LEU B 424 3.29 -3.97 -19.99
CA LEU B 424 2.65 -3.99 -18.69
C LEU B 424 1.28 -3.32 -18.74
N THR B 425 0.37 -3.81 -17.91
CA THR B 425 -0.94 -3.21 -17.77
C THR B 425 -0.89 -2.09 -16.74
N LEU B 426 -1.97 -1.30 -16.68
CA LEU B 426 -1.99 -0.16 -15.76
C LEU B 426 -1.92 -0.62 -14.32
N HIS B 427 -2.61 -1.72 -13.98
CA HIS B 427 -2.57 -2.21 -12.61
C HIS B 427 -1.16 -2.64 -12.22
N GLU B 428 -0.46 -3.34 -13.12
CA GLU B 428 0.90 -3.77 -12.81
C GLU B 428 1.84 -2.59 -12.69
N THR B 429 1.68 -1.59 -13.55
CA THR B 429 2.50 -0.39 -13.45
C THR B 429 2.27 0.31 -12.11
N ASP B 430 1.01 0.40 -11.69
CA ASP B 430 0.71 0.99 -10.39
C ASP B 430 1.33 0.18 -9.27
N CYS B 431 1.20 -1.15 -9.32
CA CYS B 431 1.80 -1.99 -8.30
C CYS B 431 3.30 -1.71 -8.19
N LEU B 432 4.00 -1.74 -9.32
CA LEU B 432 5.45 -1.56 -9.31
C LEU B 432 5.82 -0.17 -8.80
N LEU B 433 5.22 0.87 -9.37
CA LEU B 433 5.66 2.23 -9.08
C LEU B 433 5.10 2.79 -7.79
N GLN B 434 4.18 2.09 -7.12
CA GLN B 434 3.59 2.61 -5.91
C GLN B 434 3.85 1.75 -4.67
N VAL B 435 3.96 0.43 -4.80
CA VAL B 435 4.10 -0.45 -3.65
C VAL B 435 5.38 -1.27 -3.72
N PHE B 436 5.61 -1.95 -4.85
CA PHE B 436 6.67 -2.96 -4.88
C PHE B 436 8.05 -2.32 -4.88
N ILE B 437 8.36 -1.54 -5.92
CA ILE B 437 9.68 -0.91 -6.00
C ILE B 437 9.95 0.02 -4.83
N PRO B 438 9.01 0.86 -4.38
CA PRO B 438 9.30 1.66 -3.17
C PRO B 438 9.64 0.82 -1.96
N ALA B 439 8.95 -0.29 -1.74
CA ALA B 439 9.27 -1.15 -0.59
C ALA B 439 10.64 -1.77 -0.73
N LEU B 440 10.97 -2.28 -1.93
CA LEU B 440 12.27 -2.87 -2.15
C LEU B 440 13.38 -1.84 -1.97
N LEU B 441 13.16 -0.62 -2.46
CA LEU B 441 14.16 0.43 -2.31
C LEU B 441 14.33 0.85 -0.86
N GLN B 442 13.20 0.92 -0.12
CA GLN B 442 13.28 1.25 1.32
C GLN B 442 14.23 0.27 1.99
N GLN B 443 14.05 -1.03 1.71
CA GLN B 443 14.92 -2.08 2.31
C GLN B 443 16.36 -1.88 1.84
N VAL B 444 16.56 -1.46 0.58
CA VAL B 444 17.94 -1.33 0.02
C VAL B 444 18.43 0.11 0.27
N GLY B 445 17.70 0.88 1.08
CA GLY B 445 18.16 2.24 1.42
C GLY B 445 17.86 3.25 0.33
N PHE B 446 16.91 2.94 -0.56
CA PHE B 446 16.51 3.88 -1.65
C PHE B 446 17.69 4.03 -2.60
N GLU B 447 18.68 3.14 -2.46
CA GLU B 447 19.82 3.17 -3.39
C GLU B 447 19.46 2.38 -4.65
N TRP B 448 20.12 2.54 -5.79
CA TRP B 448 19.72 1.99 -7.07
C TRP B 448 20.65 2.55 -8.15
N PRO B 449 20.77 1.90 -9.30
CA PRO B 449 21.44 2.54 -10.42
C PRO B 449 20.60 3.66 -11.00
N TRP B 450 20.49 4.77 -10.26
CA TRP B 450 19.56 5.83 -10.63
C TRP B 450 19.96 6.48 -11.95
N SER B 451 21.23 6.88 -12.07
CA SER B 451 21.68 7.60 -13.25
C SER B 451 21.57 6.74 -14.49
N GLU B 452 22.03 5.48 -14.39
CA GLU B 452 21.99 4.58 -15.54
C GLU B 452 20.56 4.29 -15.97
N SER B 453 19.68 4.03 -14.99
CA SER B 453 18.28 3.76 -15.32
C SER B 453 17.63 4.96 -15.98
N LEU B 454 17.86 6.16 -15.44
CA LEU B 454 17.26 7.34 -16.05
C LEU B 454 17.79 7.60 -17.44
N ARG B 455 19.09 7.38 -17.64
CA ARG B 455 19.68 7.70 -18.97
C ARG B 455 19.07 6.75 -20.01
N HIS B 456 19.08 5.45 -19.73
CA HIS B 456 18.56 4.45 -20.70
C HIS B 456 17.06 4.66 -20.95
N ALA B 457 16.29 4.99 -19.90
CA ALA B 457 14.83 5.12 -20.08
C ALA B 457 14.54 6.24 -21.09
N LYS B 458 15.28 7.35 -21.00
CA LYS B 458 15.04 8.49 -21.91
C LYS B 458 15.41 8.11 -23.35
N MET B 459 16.13 7.00 -23.54
CA MET B 459 16.58 6.69 -24.90
C MET B 459 15.50 5.81 -25.44
N LEU B 460 14.82 5.15 -24.54
CA LEU B 460 13.70 4.28 -24.91
C LEU B 460 12.56 5.18 -25.32
N ASP B 461 12.52 6.39 -24.81
CA ASP B 461 11.44 7.36 -25.09
C ASP B 461 11.38 7.81 -26.52
N ARG B 462 12.51 7.99 -27.15
CA ARG B 462 12.59 8.60 -28.48
C ARG B 462 11.84 7.76 -29.49
N ALA B 463 11.70 6.51 -29.21
CA ALA B 463 11.12 5.65 -30.26
C ALA B 463 9.69 6.01 -30.51
N ARG B 464 9.25 5.82 -31.73
CA ARG B 464 7.81 5.97 -31.98
C ARG B 464 7.36 4.54 -31.70
N THR B 465 6.07 4.34 -31.46
CA THR B 465 5.76 2.97 -31.01
C THR B 465 6.25 2.05 -32.10
N GLN B 466 7.06 1.06 -31.76
CA GLN B 466 7.41 0.07 -32.81
C GLN B 466 6.15 -0.71 -33.16
N HIS B 467 5.36 -1.09 -32.15
CA HIS B 467 4.11 -1.87 -32.38
C HIS B 467 3.16 -1.68 -31.18
N ILE B 468 1.84 -1.88 -31.35
CA ILE B 468 0.91 -1.85 -30.18
C ILE B 468 -0.02 -3.08 -30.26
N VAL B 469 0.58 -4.23 -30.10
CA VAL B 469 -0.21 -5.46 -30.18
C VAL B 469 -1.21 -5.60 -29.03
N MET B 470 -0.89 -5.21 -27.78
CA MET B 470 -1.76 -5.56 -26.62
C MET B 470 -2.76 -4.47 -26.28
N GLU B 471 -4.03 -4.81 -26.15
CA GLU B 471 -5.02 -3.76 -25.93
C GLU B 471 -4.76 -3.03 -24.63
N ASP B 472 -4.44 -3.71 -23.56
CA ASP B 472 -4.29 -3.12 -22.24
C ASP B 472 -2.84 -2.86 -22.03
N GLY B 473 -2.25 -2.12 -22.90
CA GLY B 473 -0.82 -1.97 -22.81
C GLY B 473 -0.53 -0.53 -22.60
N VAL B 474 0.28 -0.25 -21.63
CA VAL B 474 0.50 1.13 -21.27
C VAL B 474 1.93 1.51 -21.63
N ARG B 475 2.13 2.75 -22.09
CA ARG B 475 3.48 3.34 -22.31
C ARG B 475 3.51 4.65 -21.57
N LEU B 476 4.53 4.87 -20.81
CA LEU B 476 4.70 6.09 -20.04
C LEU B 476 6.07 6.69 -20.36
N ASP B 477 6.18 7.98 -20.31
CA ASP B 477 7.46 8.63 -20.52
C ASP B 477 8.35 8.37 -19.32
N SER B 478 9.63 8.56 -19.46
CA SER B 478 10.59 8.32 -18.39
C SER B 478 10.37 9.26 -17.22
N ARG B 479 10.12 10.54 -17.52
CA ARG B 479 9.90 11.53 -16.47
C ARG B 479 8.71 11.14 -15.62
N SER B 480 7.61 10.72 -16.24
CA SER B 480 6.42 10.35 -15.49
C SER B 480 6.67 9.14 -14.61
N VAL B 481 7.36 8.13 -15.16
CA VAL B 481 7.62 6.90 -14.42
C VAL B 481 8.48 7.20 -13.19
N PHE B 482 9.56 7.97 -13.38
CA PHE B 482 10.43 8.23 -12.25
C PHE B 482 9.81 9.21 -11.26
N GLU B 483 8.96 10.11 -11.74
CA GLU B 483 8.20 10.97 -10.84
C GLU B 483 7.29 10.15 -9.94
N GLU B 484 6.56 9.20 -10.52
CA GLU B 484 5.67 8.37 -9.72
C GLU B 484 6.46 7.52 -8.72
N LEU B 485 7.56 6.92 -9.19
CA LEU B 485 8.37 6.10 -8.29
C LEU B 485 8.91 6.93 -7.14
N LEU B 486 9.38 8.15 -7.41
CA LEU B 486 9.99 8.95 -6.37
C LEU B 486 8.97 9.60 -5.45
N VAL B 487 7.76 9.91 -5.94
CA VAL B 487 6.74 10.42 -5.02
C VAL B 487 6.24 9.30 -4.12
N SER B 488 6.21 8.06 -4.62
CA SER B 488 5.91 6.95 -3.73
C SER B 488 7.03 6.71 -2.74
N VAL B 489 8.28 6.89 -3.18
CA VAL B 489 9.42 6.71 -2.29
C VAL B 489 9.49 7.85 -1.28
N ALA B 490 9.18 9.08 -1.70
CA ALA B 490 9.31 10.24 -0.83
C ALA B 490 8.38 10.19 0.37
N ARG B 491 7.29 9.40 0.31
CA ARG B 491 6.43 9.26 1.47
C ARG B 491 7.11 8.49 2.58
N ARG B 492 8.07 7.67 2.29
CA ARG B 492 8.65 6.79 3.30
C ARG B 492 9.99 7.32 3.72
N THR B 493 10.39 8.48 3.21
CA THR B 493 11.72 9.04 3.50
C THR B 493 11.63 10.55 3.58
N TYR B 494 12.77 11.23 3.66
CA TYR B 494 12.79 12.72 3.68
C TYR B 494 13.49 13.23 2.43
N GLY B 495 13.19 14.47 2.02
CA GLY B 495 13.78 15.03 0.79
C GLY B 495 15.30 14.92 0.81
N LEU B 496 15.93 15.28 1.93
CA LEU B 496 17.41 15.25 2.02
C LEU B 496 17.92 13.85 1.69
N ARG B 497 17.31 12.82 2.27
CA ARG B 497 17.76 11.42 2.05
C ARG B 497 17.71 11.10 0.55
N LEU B 498 16.56 11.36 -0.08
CA LEU B 498 16.41 11.07 -1.53
C LEU B 498 17.43 11.92 -2.31
N ARG B 499 17.49 13.22 -2.04
CA ARG B 499 18.40 14.12 -2.81
C ARG B 499 19.87 13.67 -2.61
N ALA B 500 20.21 13.19 -1.41
CA ALA B 500 21.59 12.75 -1.14
C ALA B 500 21.95 11.60 -2.08
N ILE B 501 21.09 10.59 -2.17
CA ILE B 501 21.37 9.41 -3.05
C ILE B 501 21.17 9.82 -4.51
N LEU B 502 20.06 10.51 -4.81
CA LEU B 502 19.75 10.90 -6.23
C LEU B 502 20.89 11.76 -6.79
N PRO B 503 21.44 11.44 -7.99
CA PRO B 503 22.48 12.24 -8.61
C PRO B 503 21.95 13.56 -9.14
N GLN B 504 22.81 14.36 -9.76
CA GLN B 504 22.42 15.69 -10.21
C GLN B 504 21.55 15.65 -11.46
N SER B 505 21.44 14.51 -12.12
CA SER B 505 20.56 14.40 -13.29
C SER B 505 19.09 14.33 -12.91
N PHE B 506 18.79 14.14 -11.62
CA PHE B 506 17.42 14.08 -11.14
C PHE B 506 16.95 15.41 -10.56
N ASP B 507 17.70 16.49 -10.79
CA ASP B 507 17.37 17.77 -10.16
C ASP B 507 16.01 18.28 -10.63
N VAL B 508 15.70 18.13 -11.92
CA VAL B 508 14.41 18.57 -12.42
C VAL B 508 13.27 17.78 -11.78
N ILE B 509 13.40 16.44 -11.78
CA ILE B 509 12.37 15.60 -11.17
C ILE B 509 12.26 15.87 -9.68
N ALA B 510 13.41 15.97 -9.00
CA ALA B 510 13.39 16.20 -7.56
C ALA B 510 12.72 17.53 -7.22
N GLU B 511 13.01 18.58 -7.99
CA GLU B 511 12.37 19.86 -7.75
C GLU B 511 10.88 19.81 -8.07
N ASN B 512 10.48 18.98 -9.03
CA ASN B 512 9.06 18.83 -9.32
C ASN B 512 8.34 18.00 -8.27
N ILE B 513 9.06 17.20 -7.48
CA ILE B 513 8.44 16.40 -6.43
C ILE B 513 8.75 16.91 -5.03
N PHE B 514 9.60 17.92 -4.90
CA PHE B 514 9.91 18.46 -3.58
C PHE B 514 9.77 19.98 -3.56
N SER B 539 2.67 27.13 -0.05
CA SER B 539 1.30 26.66 -0.18
C SER B 539 1.22 25.14 0.03
N SER B 540 2.07 24.62 0.90
CA SER B 540 2.05 23.21 1.26
C SER B 540 1.20 22.94 2.49
N ARG B 541 0.56 23.96 3.04
CA ARG B 541 -0.22 23.85 4.25
C ARG B 541 -1.70 23.97 3.96
N PHE B 542 -2.51 23.49 4.90
CA PHE B 542 -3.95 23.60 4.83
C PHE B 542 -4.38 24.93 5.46
N ALA B 543 -4.93 25.82 4.63
CA ALA B 543 -5.37 27.12 5.10
C ALA B 543 -6.88 27.20 5.00
N LEU B 544 -7.50 27.87 5.97
CA LEU B 544 -8.94 27.95 6.03
C LEU B 544 -9.46 28.72 4.83
N PRO B 545 -10.38 28.16 4.05
CA PRO B 545 -10.96 28.91 2.93
C PRO B 545 -11.73 30.12 3.41
N LEU B 546 -11.82 31.15 2.57
CA LEU B 546 -12.56 32.36 2.93
C LEU B 546 -14.02 32.07 3.23
N TYR B 547 -14.55 30.96 2.73
CA TYR B 547 -15.94 30.59 2.96
C TYR B 547 -16.19 30.14 4.39
N TYR B 548 -15.16 29.61 5.06
CA TYR B 548 -15.29 29.08 6.41
C TYR B 548 -14.35 29.81 7.37
N ARG B 549 -13.87 30.98 6.97
CA ARG B 549 -12.77 31.62 7.68
C ARG B 549 -13.18 32.19 9.03
N THR B 550 -14.13 33.11 9.05
CA THR B 550 -14.54 33.77 10.29
C THR B 550 -15.29 32.85 11.24
N ALA B 551 -15.89 31.77 10.75
CA ALA B 551 -16.60 30.82 11.59
C ALA B 551 -15.71 29.65 11.96
N GLY B 552 -14.50 29.63 11.42
CA GLY B 552 -13.58 28.56 11.71
C GLY B 552 -12.44 29.05 12.57
N GLU B 553 -12.21 30.35 12.58
CA GLU B 553 -11.21 30.96 13.44
C GLU B 553 -11.62 30.93 14.90
N VAL B 554 -12.88 30.66 15.22
CA VAL B 554 -13.34 30.52 16.59
C VAL B 554 -13.13 29.08 17.03
N LEU B 555 -13.52 28.16 16.16
CA LEU B 555 -13.32 26.73 16.42
C LEU B 555 -11.84 26.40 16.55
N LEU B 556 -11.00 26.99 15.71
CA LEU B 556 -9.56 26.78 15.82
C LEU B 556 -9.02 27.33 17.12
N GLU B 557 -9.51 28.48 17.56
CA GLU B 557 -9.09 29.04 18.83
C GLU B 557 -9.46 28.11 19.98
N TYR B 558 -10.67 27.55 19.93
CA TYR B 558 -11.08 26.58 20.94
C TYR B 558 -10.20 25.34 20.92
N PHE B 559 -9.92 24.83 19.71
CA PHE B 559 -9.11 23.63 19.58
C PHE B 559 -7.70 23.84 20.11
N ASP B 560 -7.11 25.00 19.80
CA ASP B 560 -5.79 25.32 20.33
C ASP B 560 -5.83 25.50 21.83
N ARG B 561 -6.90 26.10 22.36
CA ARG B 561 -6.99 26.34 23.79
C ARG B 561 -7.04 25.02 24.56
N CYS B 562 -7.80 24.05 24.06
CA CYS B 562 -7.89 22.77 24.77
C CYS B 562 -6.90 21.74 24.26
N GLY B 563 -6.97 21.42 22.98
CA GLY B 563 -6.12 20.39 22.41
C GLY B 563 -6.88 19.10 22.23
N PRO B 564 -6.33 18.19 21.41
CA PRO B 564 -7.04 16.94 21.10
C PRO B 564 -7.38 16.11 22.33
N SER B 565 -6.60 16.23 23.40
CA SER B 565 -6.93 15.53 24.64
C SER B 565 -8.24 16.06 25.23
N GLY B 566 -8.43 17.38 25.21
CA GLY B 566 -9.56 18.00 25.87
C GLY B 566 -10.75 18.33 25.02
N ILE B 567 -10.69 18.07 23.71
CA ILE B 567 -11.80 18.40 22.83
C ILE B 567 -12.95 17.42 23.09
N THR B 568 -14.15 17.96 23.29
CA THR B 568 -15.33 17.15 23.53
C THR B 568 -16.40 17.53 22.51
N ALA B 569 -17.20 16.54 22.13
CA ALA B 569 -18.24 16.77 21.15
C ALA B 569 -19.31 17.73 21.68
N GLU B 570 -19.68 17.58 22.95
CA GLU B 570 -20.73 18.42 23.52
C GLU B 570 -20.32 19.88 23.54
N GLU B 571 -19.06 20.16 23.89
CA GLU B 571 -18.61 21.55 23.91
C GLU B 571 -18.39 22.06 22.49
N THR B 572 -17.89 21.21 21.60
CA THR B 572 -17.69 21.62 20.22
C THR B 572 -19.00 21.98 19.54
N GLU B 573 -20.09 21.30 19.90
CA GLU B 573 -21.38 21.65 19.33
C GLU B 573 -21.77 23.07 19.68
N ARG B 574 -21.56 23.47 20.93
CA ARG B 574 -21.94 24.81 21.35
C ARG B 574 -20.99 25.87 20.78
N VAL B 575 -19.71 25.55 20.70
CA VAL B 575 -18.76 26.51 20.11
C VAL B 575 -19.05 26.68 18.62
N LEU B 576 -19.45 25.61 17.95
CA LEU B 576 -19.74 25.69 16.52
C LEU B 576 -21.06 26.39 16.26
N ARG B 577 -22.08 26.12 17.08
CA ARG B 577 -23.37 26.75 16.91
C ARG B 577 -23.40 28.21 17.34
N ARG B 578 -22.32 28.70 17.96
CA ARG B 578 -22.18 30.09 18.31
C ARG B 578 -21.42 30.89 17.26
N ALA B 579 -20.38 30.29 16.67
CA ALA B 579 -19.60 30.93 15.63
C ALA B 579 -20.26 30.85 14.26
N THR B 580 -21.26 29.99 14.08
CA THR B 580 -21.96 29.83 12.82
C THR B 580 -23.43 30.20 12.96
N ASP B 581 -23.72 31.12 13.87
CA ASP B 581 -25.08 31.62 14.03
C ASP B 581 -25.12 33.14 14.18
N VAL B 582 -24.00 33.82 13.90
CA VAL B 582 -23.92 35.27 14.07
C VAL B 582 -23.41 35.97 12.81
N GLN B 583 -22.94 35.24 11.85
CA GLN B 583 -22.31 35.77 10.66
C GLN B 583 -23.29 35.86 9.50
N PRO B 584 -23.01 36.70 8.51
CA PRO B 584 -23.84 36.72 7.31
C PRO B 584 -23.82 35.37 6.61
N MET B 585 -24.81 35.18 5.74
CA MET B 585 -25.08 33.92 5.06
C MET B 585 -25.69 32.93 6.04
N VAL B 586 -25.70 33.30 7.32
CA VAL B 586 -26.42 32.54 8.32
C VAL B 586 -27.57 33.34 8.93
N VAL B 587 -27.30 34.55 9.41
CA VAL B 587 -28.40 35.44 9.82
C VAL B 587 -29.18 35.95 8.62
N GLN B 588 -28.59 35.91 7.42
CA GLN B 588 -29.27 36.26 6.18
C GLN B 588 -29.99 35.06 5.58
N LEU B 589 -29.74 33.86 6.09
CA LEU B 589 -30.33 32.64 5.60
C LEU B 589 -31.57 32.23 6.37
N GLN B 590 -31.61 32.47 7.67
CA GLN B 590 -32.84 32.31 8.43
C GLN B 590 -33.85 33.42 8.12
N ALA B 591 -33.43 34.46 7.41
CA ALA B 591 -34.33 35.53 7.01
C ALA B 591 -35.44 35.00 6.11
N LEU B 592 -35.08 34.14 5.17
CA LEU B 592 -36.05 33.54 4.26
C LEU B 592 -36.83 32.44 4.97
N VAL B 614 -36.90 31.34 -4.65
CA VAL B 614 -37.71 32.45 -4.21
C VAL B 614 -38.30 32.15 -2.83
N TYR B 615 -38.52 30.87 -2.55
CA TYR B 615 -39.08 30.44 -1.27
C TYR B 615 -38.47 29.11 -0.89
N PHE B 616 -37.80 29.06 0.24
CA PHE B 616 -37.18 27.84 0.74
C PHE B 616 -38.06 27.23 1.83
N SER B 617 -38.27 25.93 1.76
CA SER B 617 -39.06 25.26 2.77
C SER B 617 -38.31 25.21 4.09
N ALA B 618 -39.02 24.81 5.14
CA ALA B 618 -38.38 24.67 6.44
C ALA B 618 -37.31 23.60 6.42
N ARG B 619 -37.57 22.49 5.73
CA ARG B 619 -36.56 21.45 5.58
C ARG B 619 -35.37 21.94 4.78
N GLU B 620 -35.62 22.74 3.74
CA GLU B 620 -34.55 23.26 2.89
C GLU B 620 -33.56 24.10 3.65
N LYS B 621 -34.02 25.05 4.48
CA LYS B 621 -33.14 25.92 5.22
C LYS B 621 -32.29 25.19 6.27
N GLU B 622 -32.88 24.24 6.99
CA GLU B 622 -32.08 23.48 7.94
C GLU B 622 -31.10 22.56 7.25
N ARG B 623 -31.47 21.96 6.10
CA ARG B 623 -30.53 21.14 5.35
C ARG B 623 -29.39 21.94 4.75
N LEU B 624 -29.49 23.27 4.75
CA LEU B 624 -28.41 24.15 4.35
C LEU B 624 -27.57 24.60 5.54
N LEU B 625 -28.23 25.02 6.62
CA LEU B 625 -27.51 25.47 7.80
C LEU B 625 -26.67 24.36 8.41
N GLN B 626 -27.25 23.16 8.55
CA GLN B 626 -26.49 22.08 9.14
C GLN B 626 -25.40 21.59 8.20
N ARG B 627 -25.62 21.67 6.90
CA ARG B 627 -24.56 21.38 5.95
C ARG B 627 -23.38 22.31 6.12
N TYR B 628 -23.66 23.61 6.28
CA TYR B 628 -22.60 24.57 6.52
C TYR B 628 -21.89 24.32 7.84
N ARG B 629 -22.62 23.95 8.89
CA ARG B 629 -21.98 23.66 10.17
C ARG B 629 -21.06 22.45 10.06
N CYS B 630 -21.52 21.39 9.40
CA CYS B 630 -20.67 20.21 9.22
C CYS B 630 -19.43 20.55 8.41
N GLU B 631 -19.59 21.33 7.33
CA GLU B 631 -18.43 21.71 6.54
C GLU B 631 -17.44 22.55 7.34
N VAL B 632 -17.95 23.48 8.16
CA VAL B 632 -17.08 24.29 8.98
C VAL B 632 -16.31 23.44 9.97
N LEU B 633 -16.99 22.48 10.61
CA LEU B 633 -16.32 21.61 11.57
C LEU B 633 -15.22 20.79 10.90
N LEU B 634 -15.51 20.21 9.73
CA LEU B 634 -14.50 19.40 9.07
C LEU B 634 -13.33 20.25 8.59
N ALA B 635 -13.61 21.44 8.06
CA ALA B 635 -12.52 22.32 7.64
C ALA B 635 -11.65 22.72 8.82
N SER B 636 -12.27 23.04 9.95
CA SER B 636 -11.51 23.39 11.14
C SER B 636 -10.66 22.21 11.61
N LEU B 637 -11.20 21.00 11.58
CA LEU B 637 -10.44 19.83 11.98
C LEU B 637 -9.24 19.61 11.06
N VAL B 638 -9.46 19.72 9.75
CA VAL B 638 -8.39 19.52 8.79
C VAL B 638 -7.30 20.57 8.96
N VAL B 639 -7.69 21.83 9.16
CA VAL B 639 -6.69 22.89 9.34
C VAL B 639 -5.93 22.70 10.65
N TYR B 640 -6.63 22.33 11.72
CA TYR B 640 -5.97 22.17 13.00
C TYR B 640 -4.96 21.03 12.97
N THR B 641 -5.40 19.85 12.53
CA THR B 641 -4.50 18.69 12.55
C THR B 641 -3.47 18.76 11.44
N GLN B 642 -3.83 19.37 10.31
CA GLN B 642 -3.00 19.43 9.11
C GLN B 642 -2.77 18.04 8.54
N LEU B 643 -3.41 17.04 9.13
CA LEU B 643 -3.30 15.66 8.71
C LEU B 643 -1.85 15.20 8.67
N ARG B 644 -1.05 15.69 9.63
CA ARG B 644 0.35 15.32 9.68
C ARG B 644 0.60 14.11 10.56
N THR B 645 -0.22 13.91 11.59
CA THR B 645 -0.08 12.77 12.49
C THR B 645 -1.36 11.96 12.44
N VAL B 646 -1.22 10.65 12.21
CA VAL B 646 -2.38 9.78 12.13
C VAL B 646 -3.08 9.68 13.47
N SER B 647 -2.31 9.70 14.56
CA SER B 647 -2.89 9.51 15.89
C SER B 647 -3.88 10.61 16.23
N VAL B 648 -3.49 11.87 15.99
CA VAL B 648 -4.36 12.99 16.36
C VAL B 648 -5.60 13.02 15.46
N VAL B 649 -5.42 12.73 14.17
CA VAL B 649 -6.55 12.72 13.25
C VAL B 649 -7.55 11.64 13.66
N GLN B 650 -7.05 10.44 13.96
CA GLN B 650 -7.93 9.36 14.39
C GLN B 650 -8.62 9.71 15.70
N GLN B 651 -7.93 10.30 16.64
CA GLN B 651 -8.53 10.67 17.94
C GLN B 651 -9.65 11.63 17.70
N LEU B 652 -9.38 12.74 17.05
CA LEU B 652 -10.40 13.76 16.84
C LEU B 652 -11.52 13.22 15.97
N THR B 653 -11.32 12.38 14.97
CA THR B 653 -12.48 11.87 14.20
C THR B 653 -13.37 11.01 15.06
N ARG B 654 -12.82 10.17 15.89
CA ARG B 654 -13.60 9.32 16.81
C ARG B 654 -14.34 10.16 17.82
N GLN B 655 -13.70 11.16 18.37
CA GLN B 655 -14.26 12.02 19.44
C GLN B 655 -15.39 12.84 18.92
N LEU B 656 -15.26 13.35 17.73
CA LEU B 656 -16.25 14.25 17.16
C LEU B 656 -17.11 13.45 16.21
N ALA B 657 -17.10 12.14 16.31
CA ALA B 657 -17.86 11.27 15.39
C ALA B 657 -19.32 11.26 15.73
N PRO B 658 -19.78 11.26 16.98
CA PRO B 658 -21.21 11.45 17.26
C PRO B 658 -21.76 12.75 16.68
N LEU B 659 -20.97 13.82 16.74
CA LEU B 659 -21.43 15.11 16.25
C LEU B 659 -21.57 15.11 14.73
N PHE B 660 -20.62 14.51 14.03
CA PHE B 660 -20.73 14.41 12.58
C PHE B 660 -21.94 13.61 12.17
N GLU B 661 -22.19 12.48 12.84
CA GLU B 661 -23.35 11.66 12.51
C GLU B 661 -24.64 12.40 12.80
N GLN B 662 -24.68 13.16 13.91
CA GLN B 662 -25.87 13.94 14.24
C GLN B 662 -26.15 15.02 13.22
N LEU B 663 -25.10 15.72 12.76
CA LEU B 663 -25.32 16.79 11.80
C LEU B 663 -25.60 16.27 10.40
N LEU B 664 -25.05 15.11 10.05
CA LEU B 664 -25.22 14.54 8.71
C LEU B 664 -26.45 13.66 8.60
N LEU B 665 -27.18 13.44 9.69
CA LEU B 665 -28.37 12.60 9.62
C LEU B 665 -29.43 13.15 8.67
N PRO B 666 -29.79 14.44 8.69
CA PRO B 666 -30.78 14.93 7.73
C PRO B 666 -30.25 14.93 6.30
N LEU B 667 -29.03 15.44 6.10
CA LEU B 667 -28.44 15.49 4.78
C LEU B 667 -28.24 14.08 4.23
N ALA B 668 -27.37 13.31 4.87
CA ALA B 668 -27.15 11.88 4.57
C ALA B 668 -26.99 11.72 3.07
N HIS B 669 -27.74 10.82 2.43
CA HIS B 669 -27.76 10.72 0.97
C HIS B 669 -29.06 11.34 0.49
N GLU B 670 -29.04 12.65 0.32
CA GLU B 670 -30.19 13.40 -0.16
C GLU B 670 -29.71 14.70 -0.77
N ARG B 671 -30.27 15.08 -1.92
CA ARG B 671 -29.88 16.33 -2.55
C ARG B 671 -30.20 17.49 -1.62
N THR B 672 -29.23 18.38 -1.44
CA THR B 672 -29.39 19.48 -0.49
C THR B 672 -30.52 20.40 -0.91
N LEU B 673 -30.60 20.72 -2.19
CA LEU B 673 -31.74 21.46 -2.72
C LEU B 673 -32.87 20.50 -3.03
N SER B 674 -34.08 21.06 -3.10
CA SER B 674 -35.26 20.24 -3.37
C SER B 674 -35.23 19.64 -4.76
N ARG B 675 -34.79 20.36 -5.71
CA ARG B 675 -34.84 20.01 -7.14
C ARG B 675 -33.54 20.27 -7.88
N CYS B 676 -33.34 19.68 -8.98
CA CYS B 676 -32.10 19.81 -9.73
C CYS B 676 -31.82 21.28 -10.00
N PRO B 677 -30.58 21.75 -9.82
CA PRO B 677 -30.26 23.16 -10.09
C PRO B 677 -30.24 23.52 -11.56
N VAL B 678 -30.35 22.55 -12.46
CA VAL B 678 -30.20 22.80 -13.89
C VAL B 678 -31.55 22.55 -14.56
N ILE B 679 -32.06 23.57 -15.24
CA ILE B 679 -33.31 23.47 -15.98
C ILE B 679 -33.04 23.87 -17.43
N ALA B 680 -33.53 23.06 -18.35
CA ALA B 680 -33.29 23.30 -19.77
C ALA B 680 -34.41 24.12 -20.39
N LEU B 694 -31.72 27.39 -24.37
CA LEU B 694 -30.77 27.90 -23.40
C LEU B 694 -30.91 27.19 -22.07
N VAL B 695 -29.79 26.74 -21.51
CA VAL B 695 -29.78 26.06 -20.23
C VAL B 695 -29.41 27.05 -19.13
N ASP B 696 -30.23 27.10 -18.10
CA ASP B 696 -30.06 28.10 -17.04
C ASP B 696 -30.25 27.39 -15.73
N LEU B 697 -30.21 28.14 -14.66
CA LEU B 697 -30.27 27.53 -13.35
C LEU B 697 -31.62 27.86 -12.70
N THR B 698 -31.98 27.06 -11.71
CA THR B 698 -33.20 27.33 -10.97
C THR B 698 -33.07 28.64 -10.21
N PRO B 699 -34.16 29.39 -10.06
CA PRO B 699 -34.09 30.67 -9.33
C PRO B 699 -33.61 30.54 -7.90
N GLU B 700 -33.90 29.42 -7.23
CA GLU B 700 -33.38 29.21 -5.88
C GLU B 700 -31.86 29.10 -5.84
N PHE B 701 -31.27 28.32 -6.76
CA PHE B 701 -29.83 28.17 -6.79
C PHE B 701 -29.15 29.51 -7.07
N LYS B 702 -29.65 30.24 -8.06
CA LYS B 702 -29.08 31.54 -8.38
C LYS B 702 -29.25 32.51 -7.22
N MET B 703 -30.42 32.52 -6.58
CA MET B 703 -30.61 33.38 -5.42
C MET B 703 -29.58 33.08 -4.34
N LEU B 704 -29.44 31.80 -3.98
CA LEU B 704 -28.47 31.45 -2.95
C LEU B 704 -27.07 31.90 -3.33
N VAL B 705 -26.61 31.51 -4.52
CA VAL B 705 -25.22 31.73 -4.89
C VAL B 705 -24.91 33.22 -5.02
N ASP B 706 -25.81 33.99 -5.64
CA ASP B 706 -25.52 35.38 -5.98
C ASP B 706 -25.96 36.37 -4.92
N GLU B 707 -26.81 35.99 -3.97
CA GLU B 707 -27.25 36.89 -2.91
C GLU B 707 -26.79 36.45 -1.53
N ILE B 708 -27.04 35.20 -1.16
CA ILE B 708 -26.63 34.75 0.17
C ILE B 708 -25.20 34.25 0.16
N HIS B 709 -24.59 34.12 -1.01
CA HIS B 709 -23.19 33.72 -1.16
C HIS B 709 -22.94 32.31 -0.62
N TYR B 710 -23.92 31.43 -0.77
CA TYR B 710 -23.74 30.02 -0.46
C TYR B 710 -22.90 29.39 -1.56
N GLU B 711 -21.93 28.58 -1.18
CA GLU B 711 -21.00 27.97 -2.12
C GLU B 711 -21.24 26.47 -2.18
N PHE B 712 -21.84 26.02 -3.28
CA PHE B 712 -21.97 24.60 -3.57
C PHE B 712 -20.71 24.12 -4.28
N TYR B 713 -20.32 22.88 -4.03
CA TYR B 713 -19.17 22.34 -4.74
C TYR B 713 -19.59 21.94 -6.15
N PRO B 714 -18.68 22.05 -7.13
CA PRO B 714 -19.05 21.97 -8.55
C PRO B 714 -19.28 20.55 -9.06
N LEU B 715 -20.02 19.76 -8.29
CA LEU B 715 -20.38 18.41 -8.72
C LEU B 715 -21.87 18.11 -8.65
N GLU B 716 -22.65 18.85 -7.86
CA GLU B 716 -24.09 18.62 -7.87
C GLU B 716 -24.78 19.29 -9.05
N TRP B 717 -24.08 20.15 -9.78
CA TRP B 717 -24.71 20.86 -10.89
C TRP B 717 -23.89 20.90 -12.17
N VAL B 718 -22.60 20.60 -12.14
CA VAL B 718 -21.77 20.70 -13.34
C VAL B 718 -22.04 19.52 -14.27
N PRO B 719 -22.00 18.26 -13.82
CA PRO B 719 -22.33 17.17 -14.75
C PRO B 719 -23.74 17.27 -15.30
N GLU B 720 -24.71 17.70 -14.50
CA GLU B 720 -26.07 17.80 -14.99
C GLU B 720 -26.28 19.03 -15.87
N ALA B 721 -25.32 19.95 -15.92
CA ALA B 721 -25.32 21.02 -16.91
C ALA B 721 -24.60 20.62 -18.19
N VAL B 722 -23.53 19.82 -18.07
CA VAL B 722 -22.91 19.23 -19.24
C VAL B 722 -23.91 18.37 -19.98
N ASP B 723 -24.74 17.63 -19.24
CA ASP B 723 -25.77 16.82 -19.88
C ASP B 723 -26.74 17.69 -20.67
N ALA B 724 -27.15 18.82 -20.10
CA ALA B 724 -28.08 19.70 -20.81
C ALA B 724 -27.44 20.26 -22.08
N HIS B 725 -26.19 20.68 -21.99
CA HIS B 725 -25.52 21.21 -23.17
C HIS B 725 -25.36 20.14 -24.25
N ILE B 726 -25.08 18.90 -23.84
CA ILE B 726 -25.02 17.80 -24.81
C ILE B 726 -26.38 17.60 -25.46
N ARG B 727 -27.45 17.63 -24.66
CA ARG B 727 -28.79 17.44 -25.21
C ARG B 727 -29.18 18.57 -26.15
N GLN B 728 -28.59 19.75 -25.99
CA GLN B 728 -28.88 20.85 -26.91
C GLN B 728 -28.48 20.51 -28.34
N GLU B 729 -27.30 19.90 -28.51
CA GLU B 729 -26.83 19.54 -29.85
C GLU B 729 -27.22 18.12 -30.23
N PRO B 747 -32.15 10.52 -8.11
CA PRO B 747 -31.03 11.40 -8.37
C PRO B 747 -29.71 10.65 -8.55
N PRO B 748 -28.79 11.22 -9.32
CA PRO B 748 -27.48 10.57 -9.49
C PRO B 748 -26.71 10.54 -8.18
N CYS B 749 -25.79 9.57 -8.08
CA CYS B 749 -25.00 9.44 -6.87
C CYS B 749 -24.11 10.65 -6.63
N PHE B 750 -23.54 11.23 -7.68
CA PHE B 750 -22.64 12.35 -7.49
C PHE B 750 -23.37 13.64 -7.14
N ALA B 751 -24.68 13.71 -7.39
CA ALA B 751 -25.48 14.86 -6.98
C ALA B 751 -25.87 14.80 -5.52
N GLN B 752 -25.75 13.64 -4.88
CA GLN B 752 -26.09 13.49 -3.48
C GLN B 752 -24.96 14.02 -2.62
N TYR B 753 -25.32 14.61 -1.48
CA TYR B 753 -24.34 15.33 -0.67
C TYR B 753 -23.25 14.41 -0.15
N SER B 754 -22.01 14.86 -0.29
CA SER B 754 -20.85 14.23 0.33
C SER B 754 -20.01 15.33 0.96
N LEU B 755 -19.86 15.28 2.28
CA LEU B 755 -19.22 16.37 3.00
C LEU B 755 -17.77 16.54 2.56
N PHE B 756 -17.07 15.43 2.37
CA PHE B 756 -15.66 15.50 2.00
C PHE B 756 -15.48 16.01 0.58
N ALA B 757 -16.47 15.82 -0.28
CA ALA B 757 -16.41 16.44 -1.60
C ALA B 757 -16.39 17.95 -1.50
N ALA B 758 -17.28 18.52 -0.69
CA ALA B 758 -17.30 19.97 -0.50
C ALA B 758 -16.02 20.46 0.14
N ILE B 759 -15.54 19.76 1.16
CA ILE B 759 -14.32 20.19 1.83
C ILE B 759 -13.12 20.12 0.88
N ALA B 760 -13.03 19.08 0.07
CA ALA B 760 -11.94 18.96 -0.88
C ALA B 760 -12.02 20.05 -1.95
N HIS B 761 -13.24 20.41 -2.36
CA HIS B 761 -13.38 21.51 -3.31
C HIS B 761 -12.90 22.81 -2.70
N GLN B 762 -13.20 23.08 -1.43
CA GLN B 762 -12.81 24.35 -0.84
C GLN B 762 -11.33 24.44 -0.55
N PHE B 763 -10.64 23.32 -0.41
CA PHE B 763 -9.19 23.35 -0.20
C PHE B 763 -8.42 23.32 -1.52
N GLY B 764 -9.12 23.36 -2.65
CA GLY B 764 -8.46 23.39 -3.94
C GLY B 764 -7.72 22.12 -4.29
N LEU B 765 -8.25 20.96 -3.92
CA LEU B 765 -7.61 19.68 -4.25
C LEU B 765 -8.06 19.28 -5.64
N VAL B 766 -7.47 19.94 -6.64
CA VAL B 766 -7.75 19.66 -8.04
C VAL B 766 -6.65 18.76 -8.57
N LEU B 767 -6.96 17.52 -8.85
CA LEU B 767 -5.98 16.54 -9.32
C LEU B 767 -6.17 16.46 -10.82
N GLU B 768 -5.13 16.58 -11.61
CA GLU B 768 -5.26 16.67 -13.08
C GLU B 768 -4.23 15.85 -13.83
N GLY B 769 -4.51 15.48 -15.05
CA GLY B 769 -3.54 14.81 -15.92
C GLY B 769 -2.65 15.77 -16.68
N ASN B 770 -1.63 15.29 -17.37
CA ASN B 770 -0.60 16.14 -18.02
C ASN B 770 -1.10 16.58 -19.36
N PRO B 771 -0.60 17.70 -19.90
CA PRO B 771 -0.98 18.12 -21.20
C PRO B 771 -0.65 17.09 -22.28
N ARG B 772 0.47 16.41 -22.15
CA ARG B 772 0.89 15.38 -23.13
C ARG B 772 -0.07 14.22 -23.23
N GLY B 773 -0.63 13.70 -22.17
CA GLY B 773 -1.52 12.56 -22.36
C GLY B 773 -1.30 11.47 -21.35
N PHE B 774 -1.76 10.29 -21.68
CA PHE B 774 -1.51 9.17 -20.78
C PHE B 774 0.00 9.09 -20.71
N ARG B 775 0.68 9.27 -21.80
CA ARG B 775 2.14 9.11 -21.81
C ARG B 775 2.66 9.77 -20.55
N GLY B 776 2.06 10.82 -20.08
CA GLY B 776 2.58 11.47 -18.90
C GLY B 776 2.00 10.87 -17.65
N GLY B 777 1.10 11.59 -17.00
CA GLY B 777 0.54 11.14 -15.75
C GLY B 777 0.07 12.29 -14.89
N ASP B 778 0.55 12.36 -13.65
CA ASP B 778 0.17 13.45 -12.78
C ASP B 778 0.67 14.78 -13.34
N GLY B 779 -0.27 15.65 -13.69
CA GLY B 779 0.06 17.00 -14.07
C GLY B 779 -0.23 17.97 -12.95
N SER B 780 -0.74 17.45 -11.84
CA SER B 780 -1.09 18.28 -10.70
C SER B 780 0.16 18.81 -10.01
N SER B 781 0.00 19.93 -9.32
CA SER B 781 1.11 20.53 -8.60
C SER B 781 1.52 19.63 -7.44
N SER B 782 2.79 19.75 -7.03
CA SER B 782 3.32 18.90 -5.98
C SER B 782 2.59 19.14 -4.66
N GLU B 783 2.33 20.41 -4.32
CA GLU B 783 1.65 20.70 -3.06
C GLU B 783 0.24 20.12 -3.05
N VAL B 784 -0.50 20.31 -4.14
CA VAL B 784 -1.85 19.77 -4.22
C VAL B 784 -1.82 18.26 -4.16
N ARG B 785 -0.84 17.64 -4.82
CA ARG B 785 -0.75 16.18 -4.79
C ARG B 785 -0.48 15.66 -3.38
N THR B 786 0.43 16.30 -2.65
CA THR B 786 0.71 15.87 -1.29
C THR B 786 -0.50 16.07 -0.39
N LYS B 787 -1.18 17.21 -0.51
CA LYS B 787 -2.35 17.46 0.31
C LYS B 787 -3.47 16.47 -0.01
N ALA B 788 -3.66 16.17 -1.29
CA ALA B 788 -4.69 15.21 -1.69
C ALA B 788 -4.35 13.81 -1.19
N TYR B 789 -3.08 13.43 -1.22
CA TYR B 789 -2.70 12.13 -0.68
C TYR B 789 -3.01 12.06 0.81
N ARG B 790 -2.60 13.09 1.56
CA ARG B 790 -2.85 13.08 3.00
C ARG B 790 -4.35 13.02 3.29
N PHE B 791 -5.13 13.82 2.57
CA PHE B 791 -6.59 13.80 2.70
C PHE B 791 -7.12 12.39 2.46
N PHE B 792 -6.98 11.90 1.23
CA PHE B 792 -7.62 10.67 0.80
C PHE B 792 -7.07 9.43 1.49
N THR B 793 -5.94 9.53 2.19
CA THR B 793 -5.41 8.38 2.89
C THR B 793 -5.67 8.42 4.39
N LEU B 794 -5.44 9.56 5.05
CA LEU B 794 -5.53 9.64 6.49
C LEU B 794 -6.81 10.28 6.99
N MET B 795 -7.75 10.63 6.11
CA MET B 795 -8.99 11.23 6.60
C MET B 795 -10.20 10.48 6.05
N LEU B 796 -10.09 9.94 4.84
CA LEU B 796 -11.19 9.23 4.22
C LEU B 796 -11.05 7.72 4.32
N LEU B 797 -9.96 7.17 3.80
CA LEU B 797 -9.81 5.72 3.79
C LEU B 797 -9.53 5.18 5.18
N ASN B 798 -8.65 5.83 5.93
CA ASN B 798 -8.33 5.36 7.28
C ASN B 798 -9.50 5.49 8.23
N ASN B 799 -10.43 6.40 7.96
CA ASN B 799 -11.62 6.57 8.78
C ASN B 799 -12.78 5.70 8.32
N LEU B 800 -12.64 5.02 7.20
CA LEU B 800 -13.69 4.15 6.69
C LEU B 800 -13.73 2.88 7.53
N GLY B 801 -14.76 2.73 8.35
CA GLY B 801 -14.85 1.59 9.24
C GLY B 801 -13.81 1.57 10.34
N ASP B 802 -13.49 2.73 10.91
CA ASP B 802 -12.54 2.80 12.01
C ASP B 802 -13.26 2.56 13.33
N ALA B 803 -12.51 2.06 14.31
CA ALA B 803 -13.09 1.71 15.59
C ALA B 803 -13.65 2.93 16.30
N VAL B 804 -14.76 2.72 17.02
CA VAL B 804 -15.39 3.81 17.75
C VAL B 804 -14.50 4.30 18.88
N SER B 805 -13.74 3.40 19.50
CA SER B 805 -12.90 3.74 20.63
C SER B 805 -11.50 3.17 20.43
N SER B 806 -10.53 3.80 21.07
CA SER B 806 -9.15 3.36 21.02
C SER B 806 -8.90 2.33 22.11
N SER B 807 -7.65 1.99 22.34
CA SER B 807 -7.27 1.10 23.43
C SER B 807 -6.34 1.80 24.40
N GLY B 844 -11.37 -4.14 16.05
CA GLY B 844 -12.31 -3.44 16.91
C GLY B 844 -13.71 -3.97 16.79
N ALA B 845 -14.10 -4.33 15.56
CA ALA B 845 -15.38 -4.91 15.18
C ALA B 845 -16.55 -3.94 15.32
N SER B 846 -16.32 -2.73 15.84
CA SER B 846 -17.34 -1.71 15.96
C SER B 846 -16.81 -0.44 15.31
N PHE B 847 -17.63 0.16 14.43
CA PHE B 847 -17.15 1.25 13.61
C PHE B 847 -18.18 2.37 13.55
N HIS B 848 -17.70 3.58 13.29
CA HIS B 848 -18.54 4.75 13.17
C HIS B 848 -18.77 5.09 11.70
N SER B 849 -20.00 5.47 11.36
CA SER B 849 -20.36 5.78 9.99
C SER B 849 -20.19 7.28 9.72
N VAL B 850 -18.94 7.72 9.82
CA VAL B 850 -18.60 9.09 9.44
C VAL B 850 -18.26 9.18 7.97
N VAL B 851 -17.53 8.20 7.45
CA VAL B 851 -17.13 8.14 6.05
C VAL B 851 -17.76 6.91 5.42
N SER B 852 -18.36 7.08 4.26
CA SER B 852 -18.91 5.98 3.47
C SER B 852 -18.06 5.77 2.22
N ALA B 853 -18.24 4.60 1.60
CA ALA B 853 -17.52 4.32 0.37
C ALA B 853 -17.91 5.29 -0.74
N CYS B 854 -19.21 5.56 -0.86
CA CYS B 854 -19.68 6.54 -1.82
C CYS B 854 -19.08 7.91 -1.56
N ASP B 855 -18.84 8.26 -0.30
CA ASP B 855 -18.18 9.53 0.00
C ASP B 855 -16.79 9.59 -0.61
N VAL B 856 -16.01 8.52 -0.48
CA VAL B 856 -14.67 8.49 -1.04
C VAL B 856 -14.71 8.58 -2.56
N VAL B 857 -15.60 7.81 -3.18
CA VAL B 857 -15.66 7.83 -4.65
C VAL B 857 -16.10 9.19 -5.15
N VAL B 858 -17.11 9.80 -4.51
CA VAL B 858 -17.59 11.11 -4.93
C VAL B 858 -16.53 12.18 -4.72
N THR B 859 -15.74 12.06 -3.65
CA THR B 859 -14.66 13.03 -3.45
C THR B 859 -13.60 12.90 -4.53
N MET B 860 -13.40 11.73 -5.06
CA MET B 860 -12.32 11.67 -6.04
C MET B 860 -12.93 12.13 -7.33
N THR B 861 -14.20 11.85 -7.58
CA THR B 861 -14.78 12.38 -8.81
C THR B 861 -14.77 13.90 -8.81
N GLN B 862 -15.04 14.52 -7.66
CA GLN B 862 -15.02 15.97 -7.57
C GLN B 862 -13.60 16.50 -7.78
N CYS B 863 -12.60 15.85 -7.18
CA CYS B 863 -11.23 16.31 -7.33
C CYS B 863 -10.72 16.15 -8.75
N LEU B 864 -11.31 15.25 -9.52
CA LEU B 864 -10.88 14.96 -10.88
C LEU B 864 -11.62 15.77 -11.94
N LEU B 865 -12.50 16.68 -11.53
CA LEU B 865 -13.20 17.51 -12.48
C LEU B 865 -12.21 18.46 -13.17
N PRO B 866 -12.52 18.92 -14.38
CA PRO B 866 -11.65 19.89 -15.04
C PRO B 866 -11.48 21.13 -14.18
N ALA B 867 -10.23 21.61 -14.12
CA ALA B 867 -9.93 22.76 -13.29
C ALA B 867 -10.63 24.01 -13.78
N HIS B 868 -10.92 24.08 -15.08
CA HIS B 868 -11.66 25.21 -15.62
C HIS B 868 -13.04 25.30 -15.00
N LEU B 869 -13.73 24.16 -14.86
CA LEU B 869 -15.07 24.12 -14.31
C LEU B 869 -15.10 24.07 -12.79
N SER B 870 -13.97 23.81 -12.14
CA SER B 870 -13.90 23.74 -10.68
C SER B 870 -13.24 24.99 -10.09
N SER B 871 -13.21 26.07 -10.85
CA SER B 871 -12.64 27.33 -10.41
C SER B 871 -13.71 28.40 -10.44
N HIS B 872 -13.78 29.19 -9.39
CA HIS B 872 -14.81 30.23 -9.29
C HIS B 872 -14.57 31.29 -10.35
N PRO B 873 -15.62 31.85 -10.94
CA PRO B 873 -15.44 32.97 -11.87
C PRO B 873 -14.83 34.17 -11.15
N ARG B 874 -14.02 34.92 -11.89
CA ARG B 874 -13.36 36.13 -11.37
C ARG B 874 -12.48 35.82 -10.16
N SER B 880 -23.16 38.35 -12.31
CA SER B 880 -23.63 37.14 -11.61
C SER B 880 -22.63 36.02 -11.78
N MET B 881 -22.18 35.45 -10.68
CA MET B 881 -21.23 34.32 -10.73
C MET B 881 -21.89 33.11 -11.38
N SER B 882 -23.17 32.86 -11.06
CA SER B 882 -23.85 31.64 -11.59
C SER B 882 -23.77 31.61 -13.12
N ASN B 883 -24.00 32.75 -13.77
CA ASN B 883 -23.99 32.83 -15.24
C ASN B 883 -22.59 32.63 -15.76
N GLU B 884 -21.61 33.20 -15.13
CA GLU B 884 -20.28 32.92 -15.69
C GLU B 884 -19.97 31.46 -15.53
N TRP B 885 -20.21 30.88 -14.34
CA TRP B 885 -20.05 29.41 -14.18
C TRP B 885 -20.65 28.67 -15.36
N MET B 886 -21.91 28.98 -15.69
CA MET B 886 -22.61 28.17 -16.70
C MET B 886 -22.00 28.45 -18.06
N ARG B 887 -21.61 29.66 -18.35
CA ARG B 887 -21.07 29.85 -19.71
C ARG B 887 -19.86 28.97 -19.78
N ARG B 888 -19.02 29.08 -18.83
CA ARG B 888 -17.76 28.34 -18.84
C ARG B 888 -18.01 26.86 -19.07
N VAL B 889 -18.99 26.29 -18.38
CA VAL B 889 -19.28 24.87 -18.57
C VAL B 889 -19.85 24.59 -19.94
N GLY B 890 -20.60 25.54 -20.52
CA GLY B 890 -21.08 25.35 -21.88
C GLY B 890 -19.95 25.31 -22.89
N GLU B 891 -19.00 26.24 -22.78
CA GLU B 891 -17.89 26.24 -23.71
C GLU B 891 -17.03 24.98 -23.54
N TRP B 892 -16.81 24.54 -22.30
CA TRP B 892 -16.06 23.31 -22.11
C TRP B 892 -16.79 22.12 -22.70
N THR B 893 -18.12 22.07 -22.53
CA THR B 893 -18.88 20.97 -23.10
C THR B 893 -18.78 20.95 -24.61
N ARG B 894 -18.84 22.13 -25.24
CA ARG B 894 -18.69 22.18 -26.69
C ARG B 894 -17.33 21.63 -27.12
N SER B 895 -16.25 22.07 -26.45
CA SER B 895 -14.93 21.58 -26.82
C SER B 895 -14.79 20.07 -26.60
N ALA B 896 -15.26 19.58 -25.45
CA ALA B 896 -15.12 18.15 -25.15
C ALA B 896 -15.96 17.30 -26.08
N TYR B 897 -17.14 17.77 -26.45
CA TYR B 897 -17.96 17.05 -27.41
C TYR B 897 -17.30 17.00 -28.77
N SER B 898 -16.67 18.11 -29.18
CA SER B 898 -15.92 18.09 -30.44
C SER B 898 -14.80 17.06 -30.39
N LYS B 899 -14.06 17.01 -29.29
CA LYS B 899 -12.99 16.04 -29.16
C LYS B 899 -13.54 14.61 -29.19
N TYR B 900 -14.66 14.38 -28.51
CA TYR B 900 -15.25 13.05 -28.47
C TYR B 900 -15.70 12.61 -29.85
N THR B 901 -16.34 13.52 -30.61
CA THR B 901 -16.76 13.18 -31.96
C THR B 901 -15.55 12.89 -32.85
N ALA B 902 -14.49 13.68 -32.71
CA ALA B 902 -13.28 13.42 -33.49
C ALA B 902 -12.69 12.05 -33.17
N TYR B 903 -12.62 11.70 -31.88
CA TYR B 903 -12.08 10.40 -31.50
C TYR B 903 -12.94 9.27 -32.02
N GLN B 904 -14.27 9.41 -31.93
CA GLN B 904 -15.14 8.35 -32.42
C GLN B 904 -15.03 8.18 -33.92
N GLN B 905 -14.91 9.28 -34.66
CA GLN B 905 -14.79 9.17 -36.11
C GLN B 905 -13.43 8.58 -36.49
N GLN B 906 -12.39 8.90 -35.74
CA GLN B 906 -11.07 8.37 -36.07
C GLN B 906 -10.99 6.86 -35.83
N VAL B 907 -11.71 6.35 -34.85
CA VAL B 907 -11.68 4.93 -34.52
C VAL B 907 -12.67 4.19 -35.41
N HIS B 908 -12.17 3.28 -36.24
CA HIS B 908 -13.02 2.45 -37.09
C HIS B 908 -12.32 1.13 -37.41
N PRO B 913 -10.55 -5.52 -29.81
CA PRO B 913 -9.30 -5.45 -30.58
C PRO B 913 -8.76 -4.03 -30.66
N VAL B 914 -9.63 -3.05 -30.52
CA VAL B 914 -9.20 -1.65 -30.62
C VAL B 914 -8.35 -1.29 -29.40
N PRO B 915 -7.14 -0.79 -29.58
CA PRO B 915 -6.28 -0.51 -28.42
C PRO B 915 -6.88 0.59 -27.54
N LEU B 916 -6.63 0.46 -26.23
CA LEU B 916 -7.17 1.41 -25.28
C LEU B 916 -6.53 2.78 -25.41
N ILE B 917 -5.37 2.88 -26.06
CA ILE B 917 -4.74 4.18 -26.23
C ILE B 917 -5.38 4.97 -27.37
N SER B 918 -6.18 4.33 -28.21
CA SER B 918 -6.89 5.01 -29.27
C SER B 918 -8.27 5.47 -28.86
N LEU B 919 -8.74 5.07 -27.68
CA LEU B 919 -10.06 5.44 -27.20
C LEU B 919 -10.02 6.83 -26.58
N TYR B 920 -11.21 7.40 -26.40
CA TYR B 920 -11.31 8.72 -25.78
C TYR B 920 -10.92 8.63 -24.30
N ASN B 921 -10.15 9.61 -23.85
CA ASN B 921 -9.64 9.62 -22.49
C ASN B 921 -9.89 10.99 -21.87
N SER B 922 -10.48 11.00 -20.69
CA SER B 922 -10.68 12.24 -19.95
C SER B 922 -9.46 12.64 -19.14
N LEU B 923 -8.43 11.80 -19.11
CA LEU B 923 -7.20 12.09 -18.37
C LEU B 923 -7.49 12.38 -16.91
N THR B 924 -8.40 11.60 -16.31
CA THR B 924 -8.79 11.79 -14.93
C THR B 924 -8.37 10.62 -14.05
N PHE B 925 -8.80 9.41 -14.36
CA PHE B 925 -8.43 8.26 -13.53
C PHE B 925 -7.18 7.57 -14.02
N ASP B 926 -6.98 7.50 -15.34
CA ASP B 926 -5.78 6.87 -15.87
C ASP B 926 -4.54 7.72 -15.72
N SER B 927 -4.69 9.01 -15.44
CA SER B 927 -3.53 9.87 -15.27
C SER B 927 -3.12 10.02 -13.81
N VAL B 928 -4.07 9.92 -12.89
CA VAL B 928 -3.80 10.11 -11.47
C VAL B 928 -3.78 8.73 -10.81
N PRO B 929 -2.63 8.26 -10.32
CA PRO B 929 -2.61 6.96 -9.64
C PRO B 929 -3.25 6.97 -8.27
N LEU B 930 -3.34 8.14 -7.63
CA LEU B 930 -4.01 8.22 -6.34
C LEU B 930 -5.49 7.85 -6.46
N ALA B 931 -6.11 8.23 -7.57
CA ALA B 931 -7.50 7.87 -7.81
C ALA B 931 -7.68 6.36 -7.81
N ARG B 932 -6.88 5.68 -8.61
CA ARG B 932 -7.00 4.23 -8.73
C ARG B 932 -6.71 3.55 -7.41
N GLU B 933 -5.64 3.98 -6.72
CA GLU B 933 -5.29 3.36 -5.46
C GLU B 933 -6.40 3.53 -4.43
N THR B 934 -6.98 4.73 -4.35
CA THR B 934 -8.05 4.98 -3.40
C THR B 934 -9.28 4.14 -3.71
N ILE B 935 -9.65 4.05 -4.99
CA ILE B 935 -10.85 3.30 -5.36
C ILE B 935 -10.66 1.82 -5.04
N ARG B 936 -9.48 1.27 -5.29
CA ARG B 936 -9.23 -0.12 -4.93
C ARG B 936 -9.23 -0.31 -3.41
N ALA B 937 -8.60 0.61 -2.69
CA ALA B 937 -8.49 0.47 -1.25
C ALA B 937 -9.85 0.55 -0.57
N VAL B 938 -10.81 1.24 -1.17
CA VAL B 938 -12.14 1.30 -0.58
C VAL B 938 -12.73 -0.10 -0.44
N ARG B 939 -12.72 -0.86 -1.54
CA ARG B 939 -13.28 -2.20 -1.49
C ARG B 939 -12.43 -3.14 -0.63
N SER B 940 -11.10 -3.01 -0.72
CA SER B 940 -10.25 -3.87 0.10
C SER B 940 -10.54 -3.67 1.58
N ARG B 941 -10.67 -2.41 2.00
CA ARG B 941 -10.96 -2.10 3.40
C ARG B 941 -12.34 -2.60 3.80
N LEU B 942 -13.33 -2.44 2.92
CA LEU B 942 -14.67 -2.93 3.24
C LEU B 942 -14.65 -4.44 3.48
N LEU B 943 -13.96 -5.18 2.60
CA LEU B 943 -13.89 -6.62 2.76
C LEU B 943 -13.16 -7.01 4.03
N GLU B 944 -12.06 -6.33 4.34
CA GLU B 944 -11.31 -6.67 5.56
C GLU B 944 -12.14 -6.39 6.81
N LYS B 945 -12.85 -5.26 6.84
CA LYS B 945 -13.71 -4.97 7.97
C LYS B 945 -14.82 -6.00 8.10
N MET B 946 -15.37 -6.44 6.96
CA MET B 946 -16.40 -7.47 7.03
C MET B 946 -15.85 -8.76 7.61
N SER B 947 -14.61 -9.11 7.25
CA SER B 947 -14.00 -10.30 7.83
C SER B 947 -13.82 -10.15 9.34
N VAL B 948 -13.38 -8.98 9.79
CA VAL B 948 -13.21 -8.77 11.23
C VAL B 948 -14.55 -8.83 11.96
N VAL B 949 -15.60 -8.26 11.35
CA VAL B 949 -16.93 -8.30 11.96
C VAL B 949 -17.43 -9.73 12.04
N THR B 950 -17.25 -10.51 10.98
CA THR B 950 -17.71 -11.89 10.99
C THR B 950 -16.94 -12.72 12.02
N ALA B 951 -15.64 -12.47 12.16
CA ALA B 951 -14.85 -13.22 13.14
C ALA B 951 -15.29 -12.96 14.57
N SER B 952 -15.89 -11.81 14.85
CA SER B 952 -16.35 -11.50 16.19
C SER B 952 -17.53 -12.39 16.57
N PRO B 953 -17.74 -12.61 17.87
CA PRO B 953 -18.87 -13.44 18.31
C PRO B 953 -20.19 -12.90 17.80
N PRO B 954 -21.12 -13.78 17.42
CA PRO B 954 -22.40 -13.31 16.89
C PRO B 954 -23.20 -12.56 17.94
N GLY B 955 -24.00 -11.60 17.47
CA GLY B 955 -24.86 -10.83 18.35
C GLY B 955 -25.84 -9.97 17.58
N ASP B 956 -26.06 -8.74 18.05
CA ASP B 956 -26.90 -7.78 17.35
C ASP B 956 -26.11 -6.65 16.72
N VAL B 957 -25.13 -6.09 17.45
CA VAL B 957 -24.29 -5.06 16.88
C VAL B 957 -23.47 -5.60 15.72
N GLU B 958 -23.04 -6.85 15.82
CA GLU B 958 -22.32 -7.48 14.71
C GLU B 958 -23.20 -7.63 13.48
N THR B 959 -24.46 -8.02 13.68
CA THR B 959 -25.37 -8.13 12.54
C THR B 959 -25.63 -6.76 11.91
N ALA B 960 -25.81 -5.73 12.74
CA ALA B 960 -25.97 -4.39 12.20
C ALA B 960 -24.75 -3.94 11.41
N GLY B 961 -23.56 -4.24 11.93
CA GLY B 961 -22.35 -3.89 11.21
C GLY B 961 -22.22 -4.62 9.89
N LYS B 962 -22.58 -5.90 9.88
CA LYS B 962 -22.53 -6.67 8.64
C LYS B 962 -23.50 -6.09 7.61
N GLN B 963 -24.71 -5.74 8.04
CA GLN B 963 -25.67 -5.14 7.13
C GLN B 963 -25.15 -3.82 6.59
N LEU B 964 -24.57 -2.99 7.45
CA LEU B 964 -24.02 -1.72 7.02
C LEU B 964 -22.91 -1.92 6.00
N LEU B 965 -22.05 -2.90 6.22
CA LEU B 965 -20.93 -3.11 5.30
C LEU B 965 -21.41 -3.65 3.96
N GLU B 966 -22.40 -4.54 3.97
CA GLU B 966 -22.94 -5.02 2.69
C GLU B 966 -23.60 -3.87 1.93
N GLN B 967 -24.33 -3.00 2.63
CA GLN B 967 -24.90 -1.84 1.96
C GLN B 967 -23.80 -0.93 1.42
N HIS B 968 -22.69 -0.80 2.15
CA HIS B 968 -21.57 -0.01 1.67
C HIS B 968 -20.99 -0.58 0.38
N LEU B 969 -20.85 -1.91 0.31
CA LEU B 969 -20.33 -2.53 -0.90
C LEU B 969 -21.28 -2.32 -2.08
N SER B 970 -22.58 -2.50 -1.85
CA SER B 970 -23.56 -2.28 -2.91
C SER B 970 -23.53 -0.83 -3.39
N SER B 971 -23.45 0.11 -2.45
CA SER B 971 -23.38 1.52 -2.82
C SER B 971 -22.10 1.84 -3.57
N LEU B 972 -20.99 1.17 -3.22
CA LEU B 972 -19.75 1.37 -3.96
C LEU B 972 -19.90 0.92 -5.40
N THR B 973 -20.54 -0.22 -5.61
CA THR B 973 -20.78 -0.67 -6.99
C THR B 973 -21.68 0.33 -7.73
N VAL B 974 -22.71 0.83 -7.05
CA VAL B 974 -23.63 1.77 -7.70
C VAL B 974 -22.91 3.06 -8.08
N THR B 975 -22.09 3.58 -7.17
CA THR B 975 -21.42 4.88 -7.43
C THR B 975 -20.41 4.70 -8.56
N LEU B 976 -19.79 3.53 -8.68
CA LEU B 976 -18.78 3.28 -9.74
C LEU B 976 -19.46 3.32 -11.12
N THR B 977 -20.66 2.75 -11.23
CA THR B 977 -21.41 2.78 -12.50
C THR B 977 -21.88 4.20 -12.77
N ALA B 978 -22.23 4.91 -11.70
CA ALA B 978 -22.76 6.29 -11.85
C ALA B 978 -21.70 7.24 -12.42
N VAL B 979 -20.42 6.88 -12.30
CA VAL B 979 -19.35 7.77 -12.75
C VAL B 979 -18.73 7.27 -14.05
N GLY B 980 -19.31 6.24 -14.67
CA GLY B 980 -18.86 5.75 -15.95
C GLY B 980 -17.77 4.71 -15.90
N LEU B 981 -17.26 4.36 -14.71
CA LEU B 981 -16.19 3.40 -14.63
C LEU B 981 -16.66 1.99 -14.97
N LEU B 982 -17.87 1.64 -14.55
CA LEU B 982 -18.43 0.32 -14.84
C LEU B 982 -19.59 0.49 -15.81
N PRO B 983 -19.43 0.17 -17.09
CA PRO B 983 -20.55 0.34 -18.04
C PRO B 983 -21.52 -0.82 -17.97
N VAL B 992 -24.70 9.24 -28.94
CA VAL B 992 -24.44 10.49 -28.24
C VAL B 992 -23.78 10.22 -26.89
N PRO B 993 -22.66 10.88 -26.63
CA PRO B 993 -21.97 10.69 -25.35
C PRO B 993 -22.73 11.29 -24.19
N CYS B 994 -22.52 10.71 -23.01
CA CYS B 994 -23.09 11.23 -21.78
C CYS B 994 -22.12 12.20 -21.13
N ALA B 995 -22.61 12.91 -20.12
CA ALA B 995 -21.73 13.78 -19.36
C ALA B 995 -20.67 12.98 -18.62
N THR B 996 -21.03 11.82 -18.09
CA THR B 996 -20.07 10.98 -17.40
C THR B 996 -19.03 10.42 -18.36
N GLN B 997 -19.40 10.20 -19.62
CA GLN B 997 -18.46 9.72 -20.62
C GLN B 997 -17.57 10.83 -21.17
N LEU B 998 -17.85 12.08 -20.82
CA LEU B 998 -17.02 13.21 -21.21
C LEU B 998 -16.16 13.73 -20.09
N LEU B 999 -16.61 13.60 -18.85
CA LEU B 999 -15.85 14.09 -17.71
C LEU B 999 -14.91 13.03 -17.15
N TRP B 1000 -15.33 11.76 -17.15
CA TRP B 1000 -14.60 10.69 -16.48
C TRP B 1000 -14.53 9.45 -17.36
N ALA B 1001 -14.13 9.62 -18.61
CA ALA B 1001 -13.92 8.48 -19.49
C ALA B 1001 -12.52 7.93 -19.27
N SER B 1002 -12.43 6.78 -18.61
CA SER B 1002 -11.15 6.16 -18.27
C SER B 1002 -11.15 4.72 -18.76
N PRO B 1003 -10.76 4.49 -20.03
CA PRO B 1003 -10.81 3.12 -20.56
C PRO B 1003 -9.92 2.14 -19.83
N PHE B 1004 -8.73 2.53 -19.38
CA PHE B 1004 -7.84 1.60 -18.72
C PHE B 1004 -8.40 1.12 -17.38
N PHE B 1005 -8.81 2.08 -16.54
CA PHE B 1005 -9.34 1.73 -15.23
C PHE B 1005 -10.67 0.98 -15.35
N SER B 1006 -11.51 1.39 -16.30
CA SER B 1006 -12.75 0.67 -16.55
C SER B 1006 -12.48 -0.75 -16.98
N HIS B 1007 -11.49 -0.95 -17.85
CA HIS B 1007 -11.11 -2.30 -18.26
C HIS B 1007 -10.67 -3.13 -17.06
N GLU B 1008 -9.82 -2.56 -16.21
CA GLU B 1008 -9.33 -3.27 -15.05
C GLU B 1008 -10.47 -3.66 -14.12
N LEU B 1009 -11.38 -2.72 -13.86
CA LEU B 1009 -12.49 -3.00 -12.96
C LEU B 1009 -13.48 -4.00 -13.55
N LEU B 1010 -13.69 -3.96 -14.86
CA LEU B 1010 -14.59 -4.91 -15.48
C LEU B 1010 -14.03 -6.32 -15.46
N HIS B 1011 -12.72 -6.45 -15.73
CA HIS B 1011 -12.12 -7.81 -15.84
C HIS B 1011 -11.45 -8.24 -14.53
N CYS B 1012 -11.46 -7.40 -13.50
CA CYS B 1012 -10.89 -7.81 -12.19
C CYS B 1012 -11.75 -8.95 -11.61
N GLY B 1013 -13.07 -8.89 -11.87
CA GLY B 1013 -13.99 -9.94 -11.38
C GLY B 1013 -14.41 -9.68 -9.94
N ARG B 1014 -14.44 -8.41 -9.54
CA ARG B 1014 -14.83 -8.04 -8.15
C ARG B 1014 -16.12 -7.19 -8.19
N TYR B 1015 -16.64 -6.91 -9.39
CA TYR B 1015 -17.85 -6.12 -9.52
C TYR B 1015 -18.79 -6.72 -10.56
N MET C 1 -0.81 -22.41 6.63
CA MET C 1 -0.07 -23.61 6.19
C MET C 1 1.22 -23.72 7.02
N ALA C 2 2.19 -22.83 6.78
CA ALA C 2 3.38 -22.86 7.64
C ALA C 2 2.98 -22.43 9.03
N GLU C 3 1.77 -21.90 9.15
CA GLU C 3 1.25 -21.50 10.48
C GLU C 3 0.62 -22.73 11.11
N TYR C 4 0.92 -23.90 10.57
CA TYR C 4 0.39 -25.16 11.09
C TYR C 4 1.57 -26.07 11.29
N LEU C 5 2.75 -25.57 10.96
CA LEU C 5 3.99 -26.36 11.11
C LEU C 5 4.97 -25.59 12.01
N ILE C 6 4.79 -24.29 12.16
CA ILE C 6 5.62 -23.49 13.10
C ILE C 6 4.67 -22.97 14.18
N ASP C 7 4.97 -23.02 15.45
CA ASP C 7 3.99 -22.46 16.42
C ASP C 7 4.17 -20.98 16.48
N LEU C 8 3.33 -20.24 15.73
CA LEU C 8 3.48 -18.75 15.68
C LEU C 8 2.62 -18.09 16.77
N THR C 9 2.26 -18.85 17.80
CA THR C 9 1.40 -18.31 18.88
C THR C 9 2.05 -17.06 19.46
N PRO C 10 1.29 -15.97 19.69
CA PRO C 10 1.83 -14.76 20.29
C PRO C 10 2.57 -15.07 21.58
N ARG C 11 3.78 -14.53 21.74
CA ARG C 11 4.60 -14.83 22.94
C ARG C 11 5.38 -13.58 23.36
N MET C 12 5.70 -13.46 24.65
CA MET C 12 6.47 -12.30 25.15
C MET C 12 7.63 -12.77 26.04
N ALA C 13 8.83 -12.93 25.48
CA ALA C 13 9.99 -13.26 26.33
C ALA C 13 10.15 -12.13 27.35
N TYR C 14 9.46 -11.02 27.08
CA TYR C 14 9.51 -9.82 27.96
C TYR C 14 8.48 -9.91 29.08
N VAL C 15 8.81 -9.34 30.24
CA VAL C 15 7.87 -9.30 31.36
C VAL C 15 7.90 -7.88 31.91
N ASP C 16 6.81 -7.17 31.85
CA ASP C 16 6.78 -5.77 32.31
C ASP C 16 7.03 -5.86 33.78
N ARG C 17 8.18 -5.39 34.23
CA ARG C 17 8.47 -5.59 35.66
C ARG C 17 7.42 -4.86 36.50
N HIS C 18 6.70 -3.90 35.92
CA HIS C 18 5.77 -3.14 36.77
C HIS C 18 4.42 -3.81 36.79
N GLU C 19 4.14 -4.73 35.90
CA GLU C 19 2.85 -5.42 36.05
C GLU C 19 3.10 -6.73 36.76
N LEU C 20 4.34 -7.04 37.05
CA LEU C 20 4.63 -8.24 37.85
C LEU C 20 4.74 -7.81 39.29
N LEU C 21 5.26 -6.63 39.57
CA LEU C 21 5.28 -6.16 40.97
C LEU C 21 3.86 -6.21 41.44
N ARG C 22 2.94 -5.67 40.68
CA ARG C 22 1.54 -5.82 41.02
C ARG C 22 1.11 -7.27 40.81
N SER C 23 -0.04 -7.64 41.40
CA SER C 23 -0.51 -9.05 41.33
C SER C 23 0.41 -9.93 42.18
N LEU C 24 1.57 -9.39 42.59
CA LEU C 24 2.50 -10.14 43.47
C LEU C 24 2.71 -11.55 42.92
N LEU C 25 3.35 -11.66 41.76
CA LEU C 25 3.54 -12.98 41.11
C LEU C 25 5.04 -13.32 41.04
N THR C 26 5.41 -14.54 41.45
CA THR C 26 6.83 -14.97 41.33
C THR C 26 7.04 -15.51 39.91
N GLU C 27 7.10 -14.62 38.91
CA GLU C 27 7.21 -15.05 37.49
C GLU C 27 5.96 -15.86 37.14
N LYS C 28 4.84 -15.55 37.79
CA LYS C 28 3.56 -16.26 37.52
C LYS C 28 2.78 -15.47 36.46
N GLU C 29 3.35 -14.37 35.97
CA GLU C 29 2.63 -13.51 35.01
C GLU C 29 2.33 -14.31 33.74
N PHE C 30 3.26 -15.16 33.29
CA PHE C 30 3.04 -15.93 32.04
C PHE C 30 1.80 -16.81 32.19
N ILE C 31 1.62 -17.40 33.37
CA ILE C 31 0.48 -18.34 33.58
C ILE C 31 -0.82 -17.58 33.33
N GLU C 32 -0.90 -16.33 33.81
CA GLU C 32 -2.14 -15.53 33.64
C GLU C 32 -2.07 -14.72 32.35
N ARG C 33 -0.94 -14.08 32.07
CA ARG C 33 -0.87 -13.19 30.89
C ARG C 33 -1.13 -13.99 29.63
N ARG C 34 -0.67 -15.20 29.49
CA ARG C 34 -0.75 -15.85 28.16
C ARG C 34 -2.15 -15.77 27.62
N GLN C 35 -3.12 -15.67 28.46
CA GLN C 35 -4.52 -15.69 27.93
C GLN C 35 -4.77 -14.46 27.05
N GLU C 36 -4.55 -13.26 27.60
CA GLU C 36 -4.80 -12.00 26.84
C GLU C 36 -3.83 -11.96 25.65
N GLN C 37 -2.75 -12.74 25.71
CA GLN C 37 -1.80 -12.83 24.56
C GLN C 37 -2.33 -13.74 23.46
N LEU C 38 -2.69 -14.99 23.76
CA LEU C 38 -3.12 -15.88 22.64
C LEU C 38 -4.37 -15.30 21.98
N ASN C 39 -5.31 -14.77 22.77
CA ASN C 39 -6.59 -14.29 22.19
C ASN C 39 -6.74 -12.79 22.48
N LYS C 40 -7.08 -11.98 21.46
CA LYS C 40 -7.33 -10.52 21.62
C LYS C 40 -6.04 -9.70 21.74
N SER C 41 -4.87 -10.26 21.42
CA SER C 41 -3.66 -9.39 21.44
C SER C 41 -3.40 -8.88 20.02
N THR C 42 -3.68 -7.59 19.77
CA THR C 42 -3.43 -6.99 18.44
C THR C 42 -2.34 -5.92 18.57
N THR C 43 -1.65 -5.85 19.71
CA THR C 43 -0.67 -4.76 19.93
C THR C 43 0.74 -5.27 19.65
N VAL C 44 1.48 -4.56 18.79
CA VAL C 44 2.88 -4.96 18.44
C VAL C 44 3.85 -3.86 18.88
N TYR C 45 4.91 -4.26 19.60
CA TYR C 45 5.92 -3.28 20.07
C TYR C 45 6.85 -2.95 18.91
N VAL C 46 7.29 -1.69 18.82
CA VAL C 46 8.25 -1.30 17.76
C VAL C 46 9.53 -0.84 18.47
N GLY C 47 10.70 -1.30 18.01
CA GLY C 47 11.96 -1.02 18.72
C GLY C 47 13.04 -0.47 17.79
N ASN C 48 14.08 0.14 18.37
CA ASN C 48 15.20 0.70 17.56
C ASN C 48 14.66 1.69 16.52
N LEU C 49 13.87 2.68 16.96
CA LEU C 49 13.40 3.74 16.04
C LEU C 49 14.19 5.02 16.34
N SER C 50 14.66 5.74 15.32
CA SER C 50 15.35 7.03 15.55
C SER C 50 14.34 8.03 16.15
N PHE C 51 14.79 8.87 17.08
CA PHE C 51 13.87 9.92 17.61
C PHE C 51 13.35 10.68 16.39
N TYR C 52 14.13 10.69 15.31
CA TYR C 52 13.73 11.32 14.03
C TYR C 52 12.56 10.57 13.40
N THR C 53 12.52 9.23 13.50
CA THR C 53 11.45 8.46 12.80
C THR C 53 10.09 9.02 13.22
N THR C 54 9.15 9.11 12.28
CA THR C 54 7.83 9.75 12.56
C THR C 54 6.70 8.72 12.40
N GLU C 55 5.54 8.98 13.01
CA GLU C 55 4.43 7.99 12.98
C GLU C 55 3.98 7.71 11.55
N ASP C 56 3.95 8.71 10.66
CA ASP C 56 3.44 8.41 9.29
C ASP C 56 4.32 7.35 8.64
N GLN C 57 5.65 7.45 8.81
CA GLN C 57 6.53 6.40 8.26
C GLN C 57 6.19 5.07 8.93
N ILE C 58 5.98 5.09 10.25
CA ILE C 58 5.60 3.85 10.97
C ILE C 58 4.24 3.38 10.43
N TRP C 59 3.32 4.33 10.24
CA TRP C 59 1.95 3.92 9.83
C TRP C 59 2.04 3.24 8.46
N GLU C 60 2.81 3.81 7.52
CA GLU C 60 2.79 3.24 6.15
C GLU C 60 3.30 1.80 6.14
N HIS C 61 4.43 1.53 6.80
CA HIS C 61 5.00 0.16 6.67
C HIS C 61 4.04 -0.84 7.34
N PHE C 62 3.53 -0.48 8.53
CA PHE C 62 2.54 -1.35 9.25
C PHE C 62 1.22 -1.44 8.47
N SER C 63 0.76 -0.32 7.89
CA SER C 63 -0.55 -0.33 7.20
C SER C 63 -0.55 -1.38 6.10
N ARG C 64 0.62 -1.58 5.46
CA ARG C 64 0.72 -2.57 4.35
C ARG C 64 0.23 -3.93 4.82
N CYS C 65 0.63 -4.35 6.02
CA CYS C 65 0.27 -5.72 6.51
C CYS C 65 -1.10 -5.71 7.20
N GLY C 66 -1.49 -4.59 7.81
CA GLY C 66 -2.85 -4.53 8.38
C GLY C 66 -3.32 -3.12 8.69
N HIS C 67 -4.64 -2.90 8.75
CA HIS C 67 -5.17 -1.57 9.15
C HIS C 67 -4.81 -1.35 10.62
N ILE C 68 -4.39 -0.13 10.97
CA ILE C 68 -3.94 0.14 12.36
C ILE C 68 -5.08 0.84 13.10
N ARG C 69 -5.68 0.16 14.09
CA ARG C 69 -6.74 0.80 14.91
C ARG C 69 -6.15 1.97 15.69
N ASP C 70 -5.00 1.76 16.34
CA ASP C 70 -4.34 2.84 17.14
C ASP C 70 -2.86 2.92 16.78
N LEU C 71 -2.35 4.13 16.51
CA LEU C 71 -0.89 4.26 16.29
C LEU C 71 -0.33 5.12 17.43
N VAL C 72 0.62 4.57 18.20
CA VAL C 72 1.13 5.31 19.39
C VAL C 72 2.65 5.42 19.30
N MET C 73 3.22 6.62 19.50
CA MET C 73 4.70 6.75 19.53
C MET C 73 5.10 7.08 20.97
N GLY C 74 6.05 6.34 21.53
CA GLY C 74 6.42 6.55 22.94
C GLY C 74 7.01 7.94 23.16
N LEU C 75 6.65 8.59 24.28
CA LEU C 75 7.13 9.97 24.57
C LEU C 75 7.96 9.96 25.83
N SER C 76 9.12 10.63 25.80
CA SER C 76 9.88 10.74 27.08
C SER C 76 9.01 11.53 28.04
N GLU C 77 8.89 11.09 29.28
CA GLU C 77 7.94 11.79 30.19
C GLU C 77 8.43 13.23 30.39
N VAL C 78 9.75 13.41 30.52
CA VAL C 78 10.33 14.79 30.71
C VAL C 78 10.10 15.66 29.47
N THR C 79 10.29 15.12 28.25
CA THR C 79 10.21 16.00 27.04
C THR C 79 8.92 15.82 26.25
N ARG C 80 8.15 14.76 26.48
CA ARG C 80 6.93 14.51 25.65
C ARG C 80 7.37 14.44 24.18
N THR C 81 8.52 13.80 23.91
CA THR C 81 9.06 13.67 22.52
C THR C 81 9.39 12.20 22.28
N PRO C 82 9.49 11.71 21.02
CA PRO C 82 9.65 10.26 20.78
C PRO C 82 10.87 9.60 21.45
N CYS C 83 10.65 8.44 22.08
CA CYS C 83 11.76 7.69 22.73
C CYS C 83 12.35 6.68 21.76
N GLY C 84 11.80 6.60 20.54
CA GLY C 84 12.26 5.55 19.60
C GLY C 84 11.55 4.24 19.85
N PHE C 85 10.53 4.22 20.72
CA PHE C 85 9.73 2.98 20.90
C PHE C 85 8.29 3.32 20.48
N CYS C 86 7.64 2.43 19.75
CA CYS C 86 6.27 2.73 19.24
C CYS C 86 5.31 1.59 19.56
N PHE C 87 4.03 1.91 19.80
CA PHE C 87 3.03 0.84 19.99
C PHE C 87 2.03 0.91 18.84
N VAL C 88 1.81 -0.22 18.17
CA VAL C 88 0.86 -0.26 17.03
C VAL C 88 -0.28 -1.20 17.39
N VAL C 89 -1.53 -0.73 17.26
CA VAL C 89 -2.72 -1.57 17.58
C VAL C 89 -3.48 -1.83 16.29
N PHE C 90 -3.83 -3.08 16.01
CA PHE C 90 -4.51 -3.44 14.75
C PHE C 90 -5.95 -3.86 15.02
N GLU C 91 -6.88 -3.51 14.12
CA GLU C 91 -8.27 -3.98 14.29
C GLU C 91 -8.27 -5.51 14.23
N SER C 92 -7.44 -6.09 13.37
CA SER C 92 -7.40 -7.57 13.20
C SER C 92 -6.16 -8.18 13.85
N GLN C 93 -6.33 -9.24 14.65
CA GLN C 93 -5.18 -9.94 15.28
C GLN C 93 -4.32 -10.53 14.16
N ASP C 94 -4.97 -10.97 13.07
CA ASP C 94 -4.22 -11.50 11.90
C ASP C 94 -3.31 -10.40 11.36
N GLY C 95 -3.79 -9.14 11.35
CA GLY C 95 -2.91 -8.03 10.93
C GLY C 95 -1.72 -7.92 11.87
N ALA C 96 -1.93 -8.09 13.18
CA ALA C 96 -0.79 -8.09 14.14
C ALA C 96 0.12 -9.28 13.82
N MET C 97 -0.47 -10.43 13.49
CA MET C 97 0.33 -11.63 13.12
C MET C 97 1.13 -11.29 11.87
N SER C 98 0.49 -10.61 10.92
CA SER C 98 1.18 -10.22 9.67
C SER C 98 2.34 -9.29 10.02
N ALA C 99 2.08 -8.33 10.91
CA ALA C 99 3.13 -7.32 11.21
C ALA C 99 4.36 -7.98 11.85
N VAL C 100 4.15 -8.89 12.81
CA VAL C 100 5.38 -9.42 13.48
C VAL C 100 6.22 -10.19 12.46
N ILE C 101 5.61 -11.07 11.66
CA ILE C 101 6.45 -11.90 10.74
C ILE C 101 7.05 -11.03 9.62
N ASP C 102 6.23 -10.21 8.98
CA ASP C 102 6.70 -9.42 7.80
C ASP C 102 7.67 -8.30 8.17
N LEU C 103 7.40 -7.56 9.26
CA LEU C 103 8.23 -6.35 9.56
C LEU C 103 9.43 -6.63 10.47
N HIS C 104 9.57 -7.83 11.02
CA HIS C 104 10.72 -7.98 11.96
C HIS C 104 12.02 -7.81 11.16
N GLY C 105 12.93 -6.97 11.64
CA GLY C 105 14.26 -6.81 10.99
C GLY C 105 14.24 -5.90 9.78
N THR C 106 13.07 -5.34 9.43
CA THR C 106 12.96 -4.42 8.26
C THR C 106 13.49 -3.03 8.63
N LEU C 107 13.91 -2.24 7.64
CA LEU C 107 14.33 -0.85 7.94
C LEU C 107 13.12 0.08 7.78
N LEU C 108 12.42 0.39 8.88
CA LEU C 108 11.31 1.37 8.77
C LEU C 108 11.90 2.74 8.40
N ASP C 109 13.00 3.13 9.07
CA ASP C 109 13.68 4.41 8.73
C ASP C 109 15.19 4.14 8.70
N ASP C 110 15.67 3.35 7.73
CA ASP C 110 17.13 3.11 7.57
C ASP C 110 17.72 2.56 8.88
N ARG C 111 17.00 1.67 9.56
CA ARG C 111 17.47 1.10 10.85
C ARG C 111 16.72 -0.21 11.13
N VAL C 112 17.36 -1.17 11.80
CA VAL C 112 16.67 -2.49 11.96
C VAL C 112 15.61 -2.42 13.06
N ILE C 113 14.33 -2.44 12.70
CA ILE C 113 13.26 -2.46 13.68
C ILE C 113 13.16 -3.85 14.29
N THR C 114 12.58 -3.95 15.47
CA THR C 114 12.30 -5.27 16.09
C THR C 114 10.86 -5.29 16.54
N VAL C 115 9.98 -5.93 15.76
CA VAL C 115 8.52 -5.98 16.11
C VAL C 115 8.30 -7.13 17.11
N SER C 116 7.56 -6.87 18.19
CA SER C 116 7.29 -7.90 19.22
C SER C 116 5.78 -8.01 19.46
N TRP C 117 5.38 -8.79 20.47
CA TRP C 117 3.95 -8.91 20.84
C TRP C 117 3.75 -8.18 22.17
N ASP C 118 2.65 -7.47 22.34
CA ASP C 118 2.38 -6.83 23.64
C ASP C 118 0.95 -7.18 24.02
N VAL C 119 0.71 -7.37 25.30
CA VAL C 119 -0.65 -7.76 25.78
C VAL C 119 -1.65 -6.63 25.51
N GLY C 120 -1.20 -5.40 25.53
CA GLY C 120 -2.10 -4.26 25.28
C GLY C 120 -1.44 -2.95 25.58
N CYS C 121 -1.95 -1.88 25.04
CA CYS C 121 -1.40 -0.54 25.24
C CYS C 121 -2.37 0.27 26.10
N ASP C 122 -1.88 0.75 27.24
CA ASP C 122 -2.66 1.59 28.14
C ASP C 122 -1.98 2.93 27.99
N HIS C 123 -2.10 3.83 28.93
CA HIS C 123 -1.55 5.17 28.69
C HIS C 123 -0.46 5.38 29.70
N THR C 124 0.15 4.28 30.17
CA THR C 124 1.23 4.38 31.17
C THR C 124 2.54 3.93 30.54
N ARG C 125 2.54 2.75 29.92
CA ARG C 125 3.79 2.19 29.32
C ARG C 125 4.19 3.03 28.10
N ARG C 126 3.27 3.84 27.58
CA ARG C 126 3.55 4.66 26.37
C ARG C 126 4.65 5.69 26.71
N TRP C 127 4.90 5.89 28.01
CA TRP C 127 5.96 6.83 28.44
C TRP C 127 7.24 6.07 28.78
N GLY C 128 8.37 6.44 28.15
CA GLY C 128 9.65 5.81 28.49
C GLY C 128 9.92 5.93 29.98
N ARG C 129 10.50 4.89 30.58
CA ARG C 129 10.75 4.91 32.05
C ARG C 129 12.20 4.47 32.32
N GLY C 130 13.17 5.31 31.94
CA GLY C 130 14.59 5.01 32.22
C GLY C 130 15.19 6.06 33.12
N ALA C 131 16.17 6.81 32.62
CA ALA C 131 16.79 7.89 33.40
C ALA C 131 16.23 9.25 33.00
N HIS C 132 16.42 9.66 31.83
CA HIS C 132 15.97 11.00 31.39
C HIS C 132 14.72 10.77 30.57
N GLY C 133 13.76 10.19 31.16
CA GLY C 133 12.46 10.00 30.55
C GLY C 133 12.42 9.07 29.35
N GLY C 134 13.58 8.70 28.85
CA GLY C 134 13.67 7.80 27.69
C GLY C 134 13.46 6.36 28.06
N GLN C 135 14.07 5.47 27.31
CA GLN C 135 13.95 4.02 27.55
C GLN C 135 15.12 3.53 28.40
N VAL C 136 14.96 2.45 29.17
CA VAL C 136 16.02 2.01 30.10
C VAL C 136 17.19 1.68 29.21
N VAL C 137 16.93 1.27 28.00
CA VAL C 137 18.04 0.82 27.15
C VAL C 137 18.96 2.02 27.00
N ASP C 138 18.40 3.20 26.94
CA ASP C 138 19.27 4.34 26.60
C ASP C 138 20.34 4.53 27.67
N GLY C 139 20.00 4.43 28.94
CA GLY C 139 21.00 4.68 29.99
C GLY C 139 22.15 3.70 30.00
N VAL C 140 21.84 2.45 29.79
CA VAL C 140 22.85 1.38 29.92
C VAL C 140 23.62 1.13 28.62
N ARG C 141 23.35 1.80 27.54
CA ARG C 141 24.02 1.51 26.24
C ARG C 141 25.42 2.10 26.19
N GLN C 142 26.37 1.42 25.57
CA GLN C 142 27.78 1.88 25.61
C GLN C 142 28.26 2.09 24.18
N ASN C 143 27.39 2.60 23.32
CA ASN C 143 27.75 2.70 21.87
C ASN C 143 27.41 4.10 21.35
N LEU C 144 27.88 4.42 20.13
CA LEU C 144 27.50 5.73 19.53
C LEU C 144 26.37 5.50 18.53
N ASP C 145 25.11 5.58 18.99
CA ASP C 145 23.95 5.52 18.05
C ASP C 145 23.43 6.95 17.93
N SER C 146 23.98 7.74 17.00
CA SER C 146 23.61 9.17 16.88
C SER C 146 22.10 9.35 16.73
N ALA C 147 21.42 8.48 16.04
CA ALA C 147 19.99 8.69 15.79
C ALA C 147 19.21 8.54 17.08
N ARG C 148 19.78 7.88 18.07
CA ARG C 148 19.13 7.81 19.40
C ARG C 148 19.71 8.92 20.29
N GLY C 149 20.36 9.92 19.69
CA GLY C 149 20.93 11.04 20.46
C GLY C 149 22.44 10.95 20.56
N GLY C 150 23.01 9.77 20.46
CA GLY C 150 24.45 9.67 20.70
C GLY C 150 24.78 8.57 21.67
N LEU C 151 25.62 8.87 22.64
CA LEU C 151 26.02 7.87 23.63
C LEU C 151 24.85 7.77 24.60
N GLY C 152 24.90 6.80 25.49
CA GLY C 152 23.83 6.65 26.44
C GLY C 152 23.85 7.77 27.43
N VAL C 153 22.72 8.01 28.05
CA VAL C 153 22.64 9.17 28.96
C VAL C 153 23.68 8.94 30.03
N LEU C 154 23.79 7.75 30.60
CA LEU C 154 24.82 7.61 31.66
C LEU C 154 26.26 7.76 31.14
N ARG C 155 26.67 7.15 30.04
CA ARG C 155 28.05 7.43 29.53
C ARG C 155 28.20 8.88 29.07
N ARG C 156 27.23 9.46 28.40
CA ARG C 156 27.31 10.88 28.04
C ARG C 156 27.40 11.74 29.29
N GLU C 157 26.59 11.47 30.30
CA GLU C 157 26.55 12.43 31.42
C GLU C 157 27.95 12.72 31.95
N GLU C 158 28.78 11.68 32.11
CA GLU C 158 30.12 11.87 32.73
C GLU C 158 31.16 12.33 31.71
N LEU C 159 31.14 11.80 30.48
CA LEU C 159 32.24 12.14 29.54
C LEU C 159 32.10 13.62 29.23
N GLY C 160 30.89 14.08 29.10
CA GLY C 160 30.73 15.54 28.99
C GLY C 160 30.23 15.99 27.64
N VAL C 161 29.70 15.08 26.83
CA VAL C 161 29.13 15.61 25.56
C VAL C 161 27.60 15.65 25.67
N GLY C 162 27.03 16.85 25.58
CA GLY C 162 25.56 17.00 25.67
C GLY C 162 24.94 15.94 26.58
N GLU C 167 16.18 18.18 21.25
CA GLU C 167 16.53 19.12 20.19
C GLU C 167 15.29 19.80 19.65
N ASP C 168 15.42 20.44 18.48
CA ASP C 168 14.33 21.19 17.88
C ASP C 168 13.65 20.47 16.73
N GLN C 169 14.38 19.68 15.95
CA GLN C 169 13.78 18.94 14.85
C GLN C 169 12.90 17.80 15.33
N LEU C 170 12.97 17.42 16.61
CA LEU C 170 12.11 16.38 17.13
C LEU C 170 10.69 16.88 17.27
N VAL C 171 9.69 16.02 17.14
CA VAL C 171 8.28 16.42 17.14
C VAL C 171 7.84 16.48 18.58
N HIS C 172 7.27 17.60 19.02
CA HIS C 172 6.90 17.75 20.43
C HIS C 172 5.45 17.41 20.44
N TYR C 173 5.10 16.34 21.13
CA TYR C 173 3.70 15.89 21.17
C TYR C 173 3.08 16.60 22.35
N THR C 174 2.51 17.75 22.13
CA THR C 174 1.97 18.61 23.18
C THR C 174 0.47 18.42 23.28
N TRP C 175 -0.05 17.50 22.47
CA TRP C 175 -1.50 17.20 22.50
C TRP C 175 -1.72 15.99 23.39
N ILE C 176 -0.66 15.55 24.08
CA ILE C 176 -0.77 14.37 24.95
C ILE C 176 -0.57 14.94 26.33
N PRO C 177 -1.50 14.72 27.26
CA PRO C 177 -1.41 15.30 28.54
C PRO C 177 -0.14 14.86 29.27
N PRO C 178 0.55 15.74 30.02
CA PRO C 178 1.80 15.39 30.66
C PRO C 178 1.53 14.29 31.69
N ARG C 179 2.47 13.40 31.95
CA ARG C 179 2.13 12.21 32.79
C ARG C 179 1.78 12.61 34.22
#